data_4F4C
#
_entry.id   4F4C
#
_cell.length_a   96.896
_cell.length_b   155.360
_cell.length_c   162.416
_cell.angle_alpha   90.00
_cell.angle_beta   90.00
_cell.angle_gamma   90.00
#
_symmetry.space_group_name_H-M   'P 21 21 21'
#
loop_
_entity.id
_entity.type
_entity.pdbx_description
1 polymer 'Multidrug resistance protein pgp-1'
2 branched alpha-D-mannopyranose-(1-3)-beta-D-mannopyranose-(1-4)-2-acetamido-2-deoxy-beta-D-glucopyranose-(1-4)-2-acetamido-2-deoxy-beta-D-glucopyranose
3 non-polymer 'undecyl 4-O-alpha-D-glucopyranosyl-1-thio-beta-D-glucopyranoside'
#
_entity_poly.entity_id   1
_entity_poly.type   'polypeptide(L)'
_entity_poly.pdbx_seq_one_letter_code
;MLRNGSLRQSLRTLDSFSLAPEDVLKTAIKTVEDYEGDNIDSNGEIKITRDAKEEVVNKVSIPQLYRYTTTLEKLLLFIG
TLVAVITGAGLPLMSILQGKVSQAFINEQIVINNNGSTFLPTGQNYTKTDFEHDVMNVVWSYAAMTVGMWAAGQITVTCY
LYVAEQMNNRLRREFVKSILRQEISWFDTNHSGTLATKLFDNLERVKEGTGDKIGMAFQYLSQFITGFIVAFTHSWQLTL
VMLAVTPIQALCGFAIAKSMSTFAIRETLRYAKAGKVVEETISSIRTVVSLNGLRYELERYSTAVEEAKKAGVLKGLFLG
ISFGAMQASNFISFALAFYIGVGWVHDGSLNFGDMLTTFSSVMMGSMALGLAGPQLAVLGTAQGAASGIYEVLDRKPVID
SSSKAGRKDMKIKGDITVENVHFTYPSRPDVPILRGMNLRVNAGQTVALVGSSGCGKSTIISLLLRYYDVLKGKITIDGV
DVRDINLEFLRKNVAVVSQEPALFNCTIEENISLGKEGITREEMVAACKMANAEKFIKTLPNGYNTLVGDRGTQLSGGQK
QRIAIARALVRNPKILLLDEATSALDAESEGIVQQALDKAAKGRTTIIIAHRLSTIRNADLIISCKNGQVVEVGDHRALM
AQQGLYYDLVTAQTFTDAVDSAAEGKFSRENSVARQTSEHEGLSRQASEMDDIMNRVRSSTIGSITNGPVIDEKEERIGK
DALSRLKQELEENNAQKTNLFEILYHARPHALSLFIGMSTATIGGFIYPTYSVFFTSFMNVFAGNPADFLSQGHFWALMF
LVLAAAQGICSFLMTFFMGIASESLTRDLRNKLFRNVLSQHIGFFDSPQNASGKISTRLATDVPNLRTAIDFRFSTVITT
LVSMVAGIGLAFFYGWQMALLIIAILPIVAFGQYLRGRRFTGKNVKSASEFADSGKIAIEAIENVRTVQALAREDTFYEN
FCEKLDIPHKEAIKEAFIQGLSYGCASSVLYLLNTCAYRMGLALIITDPPTMQPMRVLRVMYAITISTSTLGFATSYFPE
YAKATFAGGIIFGMLRKISKIDSLSLAGEKKKLYGKVIFKNVRFAYPERPEIEILKGLSFSVEPGQTLALVGPSGCGKST
VVALLERFYDTLGGEIFIDGSEIKTLNPEHTRSQIAIVSQEPTLFDCSIAENIIYGLDPSSVTMAQVEEAARLANIHNFI
AELPEGFETRVGDRGTQLSGGQKQRIAIARALVRNPKILLLDEATSALDTESEKVVQEALDRAREGRTCIVIAHRLNTVM
NADCIAVVSNGTIIEKGTHTQLMSEKGAYYKLTQKQMTEKK
;
_entity_poly.pdbx_strand_id   A
#
# COMPACT_ATOMS: atom_id res chain seq x y z
N ASN A 4 -5.25 -12.81 4.59
CA ASN A 4 -3.75 -12.75 4.56
C ASN A 4 -3.17 -13.22 5.90
N GLY A 5 -3.68 -12.64 6.99
CA GLY A 5 -3.21 -12.96 8.33
C GLY A 5 -3.59 -14.31 8.87
N SER A 6 -4.76 -14.80 8.48
CA SER A 6 -5.24 -16.10 8.93
C SER A 6 -4.40 -17.18 8.25
N LEU A 7 -3.97 -16.89 7.02
CA LEU A 7 -3.16 -17.84 6.24
C LEU A 7 -1.76 -17.94 6.81
N ARG A 8 -1.08 -16.80 6.95
CA ARG A 8 0.29 -16.77 7.47
C ARG A 8 0.41 -17.30 8.92
N GLN A 9 -0.72 -17.35 9.63
CA GLN A 9 -0.72 -17.84 10.99
C GLN A 9 -0.73 -19.37 10.95
N SER A 10 -1.48 -19.94 10.01
CA SER A 10 -1.54 -21.39 9.86
C SER A 10 -0.27 -21.91 9.17
N LEU A 11 0.32 -21.09 8.31
CA LEU A 11 1.57 -21.45 7.62
C LEU A 11 2.72 -21.48 8.62
N ARG A 12 2.65 -20.59 9.61
CA ARG A 12 3.68 -20.49 10.64
C ARG A 12 3.73 -21.71 11.55
N THR A 13 2.60 -22.42 11.67
CA THR A 13 2.55 -23.62 12.50
C THR A 13 3.16 -24.76 11.70
N LEU A 14 3.00 -24.71 10.38
CA LEU A 14 3.57 -25.74 9.51
C LEU A 14 5.10 -25.65 9.58
N ASP A 15 5.61 -24.42 9.69
CA ASP A 15 7.05 -24.16 9.77
C ASP A 15 7.56 -24.53 11.17
N SER A 16 6.65 -24.54 12.14
CA SER A 16 6.95 -24.83 13.52
C SER A 16 7.33 -26.28 13.77
N PHE A 17 6.81 -27.18 12.95
CA PHE A 17 7.09 -28.61 13.09
C PHE A 17 8.41 -29.05 12.47
N SER A 18 9.12 -28.11 11.85
CA SER A 18 10.42 -28.40 11.24
C SER A 18 11.46 -28.64 12.34
N LEU A 19 12.15 -29.78 12.29
CA LEU A 19 13.16 -30.14 13.28
C LEU A 19 14.59 -29.64 12.98
N ALA A 20 14.76 -28.89 11.90
CA ALA A 20 16.07 -28.35 11.55
C ALA A 20 16.33 -27.15 12.47
N PRO A 21 17.52 -27.12 13.08
CA PRO A 21 17.92 -26.05 14.00
C PRO A 21 17.95 -24.65 13.39
N GLU A 22 18.27 -24.57 12.10
CA GLU A 22 18.32 -23.28 11.44
C GLU A 22 16.91 -22.80 11.11
N ASP A 23 15.97 -23.73 11.02
CA ASP A 23 14.59 -23.39 10.71
C ASP A 23 13.88 -22.81 11.93
N VAL A 24 14.36 -23.15 13.11
CA VAL A 24 13.77 -22.64 14.35
C VAL A 24 14.05 -21.15 14.45
N LEU A 25 15.23 -20.74 13.97
CA LEU A 25 15.64 -19.33 13.96
C LEU A 25 14.77 -18.65 12.90
N LYS A 26 14.69 -19.28 11.74
CA LYS A 26 13.93 -18.78 10.59
C LYS A 26 12.45 -18.55 10.92
N THR A 27 11.83 -19.54 11.56
CA THR A 27 10.40 -19.48 11.89
C THR A 27 10.06 -18.47 13.00
N ALA A 28 11.04 -18.12 13.82
CA ALA A 28 10.81 -17.13 14.89
C ALA A 28 10.90 -15.71 14.33
N ILE A 29 11.88 -15.49 13.45
CA ILE A 29 12.08 -14.18 12.83
C ILE A 29 10.85 -13.82 12.00
N LYS A 30 10.34 -14.80 11.24
CA LYS A 30 9.16 -14.60 10.40
C LYS A 30 7.87 -14.39 11.18
N THR A 31 7.84 -14.83 12.45
CA THR A 31 6.64 -14.67 13.28
C THR A 31 6.53 -13.23 13.79
N VAL A 32 7.67 -12.58 14.05
CA VAL A 32 7.65 -11.21 14.52
C VAL A 32 7.27 -10.30 13.34
N GLU A 33 7.65 -10.68 12.13
CA GLU A 33 7.33 -9.88 10.95
C GLU A 33 5.81 -9.88 10.71
N ASP A 34 5.16 -10.97 11.09
CA ASP A 34 3.72 -11.15 10.91
C ASP A 34 2.91 -10.17 11.72
N TYR A 35 3.51 -9.60 12.76
CA TYR A 35 2.83 -8.63 13.61
C TYR A 35 3.55 -7.28 13.70
N GLU A 36 3.86 -6.70 12.53
CA GLU A 36 4.53 -5.40 12.45
C GLU A 36 3.86 -4.52 11.39
N GLY A 37 4.60 -3.53 10.88
CA GLY A 37 4.05 -2.64 9.87
C GLY A 37 3.48 -3.33 8.64
N ASP A 38 2.43 -2.74 8.07
CA ASP A 38 1.74 -3.25 6.89
C ASP A 38 0.93 -4.53 7.15
N ASN A 39 1.29 -5.27 8.19
CA ASN A 39 0.56 -6.49 8.56
C ASN A 39 -0.38 -6.16 9.73
N ILE A 40 -0.18 -4.99 10.33
CA ILE A 40 -0.99 -4.52 11.45
C ILE A 40 -1.91 -3.38 11.01
N ASP A 41 -3.11 -3.32 11.57
CA ASP A 41 -4.05 -2.25 11.24
C ASP A 41 -3.76 -1.00 12.10
N SER A 42 -4.82 -0.33 12.56
CA SER A 42 -4.67 0.87 13.38
C SER A 42 -4.76 0.53 14.87
N ASN A 43 -5.28 -0.66 15.17
CA ASN A 43 -5.46 -1.11 16.54
C ASN A 43 -4.42 -2.10 17.06
N GLY A 44 -3.57 -2.59 16.17
CA GLY A 44 -2.54 -3.54 16.54
C GLY A 44 -2.86 -4.96 16.13
N GLU A 45 -4.09 -5.16 15.66
CA GLU A 45 -4.57 -6.46 15.22
C GLU A 45 -4.05 -6.84 13.84
N ILE A 46 -4.11 -8.13 13.52
CA ILE A 46 -3.64 -8.66 12.25
C ILE A 46 -4.65 -8.42 11.12
N LYS A 47 -4.14 -8.06 9.94
CA LYS A 47 -4.98 -7.83 8.77
C LYS A 47 -5.55 -9.15 8.27
N ILE A 48 -6.85 -9.17 7.96
CA ILE A 48 -7.49 -10.39 7.46
C ILE A 48 -8.65 -10.08 6.52
N THR A 49 -8.84 -10.95 5.52
CA THR A 49 -9.91 -10.86 4.51
C THR A 49 -9.87 -9.64 3.56
N ARG A 50 -9.21 -8.57 4.00
CA ARG A 50 -9.09 -7.35 3.20
C ARG A 50 -7.69 -7.15 2.63
N ASP A 51 -7.62 -6.84 1.33
CA ASP A 51 -6.35 -6.63 0.65
C ASP A 51 -6.52 -5.63 -0.51
N GLU A 55 -9.90 -11.24 -3.79
CA GLU A 55 -10.51 -12.36 -3.10
C GLU A 55 -11.96 -12.60 -3.54
N VAL A 56 -12.32 -13.86 -3.75
CA VAL A 56 -13.68 -14.25 -4.16
C VAL A 56 -14.30 -15.33 -3.24
N VAL A 57 -15.62 -15.27 -3.08
CA VAL A 57 -16.36 -16.21 -2.23
C VAL A 57 -16.43 -17.61 -2.86
N ASN A 58 -16.81 -17.69 -4.14
CA ASN A 58 -16.92 -18.95 -4.86
C ASN A 58 -15.61 -19.34 -5.58
N LYS A 59 -15.23 -20.62 -5.46
CA LYS A 59 -14.01 -21.12 -6.06
C LYS A 59 -14.25 -22.00 -7.30
N VAL A 60 -13.34 -21.88 -8.28
CA VAL A 60 -13.40 -22.66 -9.52
C VAL A 60 -12.62 -23.97 -9.33
N SER A 61 -13.10 -25.06 -9.94
CA SER A 61 -12.46 -26.38 -9.85
C SER A 61 -11.05 -26.34 -10.41
N ILE A 62 -10.15 -27.13 -9.84
CA ILE A 62 -8.77 -27.17 -10.32
C ILE A 62 -8.74 -27.72 -11.75
N PRO A 63 -9.58 -28.71 -12.07
CA PRO A 63 -9.57 -29.23 -13.44
C PRO A 63 -10.07 -28.14 -14.39
N GLN A 64 -11.11 -27.44 -13.95
CA GLN A 64 -11.74 -26.36 -14.70
C GLN A 64 -10.73 -25.24 -14.88
N LEU A 65 -9.91 -25.02 -13.85
CA LEU A 65 -8.90 -23.97 -13.86
C LEU A 65 -7.84 -24.21 -14.92
N TYR A 66 -7.57 -25.49 -15.16
CA TYR A 66 -6.57 -25.85 -16.15
C TYR A 66 -7.13 -26.16 -17.54
N ARG A 67 -8.33 -25.66 -17.81
CA ARG A 67 -8.91 -25.83 -19.14
C ARG A 67 -8.25 -24.75 -19.98
N TYR A 68 -8.25 -24.92 -21.30
CA TYR A 68 -7.61 -24.00 -22.25
C TYR A 68 -6.19 -24.48 -22.51
N THR A 69 -5.87 -25.66 -21.98
CA THR A 69 -4.57 -26.28 -22.18
C THR A 69 -4.73 -27.39 -23.24
N THR A 70 -3.85 -27.38 -24.24
CA THR A 70 -3.92 -28.39 -25.29
C THR A 70 -3.53 -29.76 -24.74
N THR A 71 -3.80 -30.81 -25.51
CA THR A 71 -3.45 -32.14 -25.08
C THR A 71 -1.93 -32.27 -24.93
N LEU A 72 -1.17 -31.63 -25.82
CA LEU A 72 0.29 -31.67 -25.76
C LEU A 72 0.77 -31.01 -24.45
N GLU A 73 0.11 -29.92 -24.08
CA GLU A 73 0.44 -29.19 -22.86
C GLU A 73 -0.09 -29.92 -21.61
N LYS A 74 -1.15 -30.69 -21.79
CA LYS A 74 -1.72 -31.41 -20.67
C LYS A 74 -0.78 -32.57 -20.37
N LEU A 75 -0.06 -33.01 -21.39
CA LEU A 75 0.93 -34.09 -21.27
C LEU A 75 2.18 -33.50 -20.61
N LEU A 76 2.54 -32.28 -21.02
CA LEU A 76 3.69 -31.58 -20.45
C LEU A 76 3.42 -31.34 -18.97
N LEU A 77 2.15 -31.14 -18.63
CA LEU A 77 1.77 -30.91 -17.24
C LEU A 77 1.93 -32.22 -16.48
N PHE A 78 1.60 -33.32 -17.14
CA PHE A 78 1.73 -34.65 -16.53
C PHE A 78 3.21 -35.02 -16.35
N ILE A 79 4.01 -34.81 -17.38
CA ILE A 79 5.44 -35.11 -17.34
C ILE A 79 6.09 -34.29 -16.21
N GLY A 80 5.82 -32.99 -16.19
CA GLY A 80 6.39 -32.11 -15.18
C GLY A 80 6.02 -32.45 -13.76
N THR A 81 4.86 -33.05 -13.57
CA THR A 81 4.41 -33.40 -12.23
C THR A 81 5.14 -34.63 -11.69
N LEU A 82 5.29 -35.65 -12.54
CA LEU A 82 5.97 -36.88 -12.12
C LEU A 82 7.42 -36.58 -11.79
N VAL A 83 8.06 -35.80 -12.66
CA VAL A 83 9.45 -35.44 -12.47
C VAL A 83 9.62 -34.62 -11.18
N ALA A 84 8.57 -33.90 -10.80
CA ALA A 84 8.62 -33.07 -9.59
C ALA A 84 8.64 -33.96 -8.32
N VAL A 85 7.93 -35.08 -8.39
CA VAL A 85 7.88 -36.00 -7.25
C VAL A 85 9.26 -36.67 -7.07
N ILE A 86 9.97 -36.86 -8.18
CA ILE A 86 11.31 -37.45 -8.16
C ILE A 86 12.28 -36.46 -7.50
N THR A 87 12.15 -35.18 -7.87
CA THR A 87 13.00 -34.11 -7.33
C THR A 87 12.79 -34.00 -5.83
N GLY A 88 11.56 -34.21 -5.40
CA GLY A 88 11.27 -34.13 -3.97
C GLY A 88 11.78 -35.33 -3.20
N ALA A 89 11.97 -36.45 -3.91
CA ALA A 89 12.44 -37.68 -3.30
C ALA A 89 13.97 -37.69 -3.19
N GLY A 90 14.60 -36.59 -3.59
CA GLY A 90 16.04 -36.48 -3.57
C GLY A 90 16.68 -36.46 -2.19
N LEU A 91 16.25 -35.56 -1.32
CA LEU A 91 16.81 -35.45 0.03
C LEU A 91 16.59 -36.72 0.87
N PRO A 92 15.45 -37.41 0.70
CA PRO A 92 15.26 -38.63 1.50
C PRO A 92 16.17 -39.74 0.95
N LEU A 93 16.48 -39.66 -0.33
CA LEU A 93 17.34 -40.64 -0.97
C LEU A 93 18.77 -40.38 -0.51
N MET A 94 19.07 -39.12 -0.22
CA MET A 94 20.40 -38.73 0.26
C MET A 94 20.57 -39.28 1.67
N SER A 95 19.47 -39.37 2.43
CA SER A 95 19.51 -39.86 3.80
C SER A 95 19.95 -41.33 3.88
N ILE A 96 19.68 -42.08 2.82
CA ILE A 96 20.12 -43.47 2.78
C ILE A 96 21.61 -43.44 2.44
N LEU A 97 22.00 -42.61 1.49
CA LEU A 97 23.41 -42.47 1.10
C LEU A 97 24.26 -41.94 2.26
N GLN A 98 23.69 -41.06 3.07
CA GLN A 98 24.42 -40.51 4.21
C GLN A 98 24.61 -41.57 5.30
N GLY A 99 23.64 -42.48 5.40
CA GLY A 99 23.74 -43.53 6.38
C GLY A 99 24.77 -44.57 5.94
N LYS A 100 24.73 -44.96 4.67
CA LYS A 100 25.66 -45.94 4.16
C LYS A 100 27.10 -45.46 4.22
N VAL A 101 27.36 -44.24 3.76
CA VAL A 101 28.73 -43.73 3.77
C VAL A 101 29.27 -43.46 5.18
N SER A 102 28.40 -43.08 6.12
CA SER A 102 28.87 -42.83 7.48
C SER A 102 29.21 -44.16 8.12
N GLN A 103 28.48 -45.19 7.74
CA GLN A 103 28.71 -46.54 8.26
C GLN A 103 30.02 -47.05 7.70
N ALA A 104 30.28 -46.73 6.44
CA ALA A 104 31.52 -47.14 5.77
C ALA A 104 32.71 -46.44 6.39
N PHE A 105 32.57 -45.14 6.61
CA PHE A 105 33.63 -44.31 7.20
C PHE A 105 33.86 -44.67 8.65
N ILE A 106 32.78 -44.91 9.39
CA ILE A 106 32.90 -45.25 10.80
C ILE A 106 33.58 -46.63 10.98
N ASN A 107 33.41 -47.49 9.98
CA ASN A 107 33.98 -48.82 10.00
C ASN A 107 35.47 -48.79 9.75
N GLU A 108 35.90 -48.18 8.65
CA GLU A 108 37.32 -48.07 8.33
C GLU A 108 38.11 -47.48 9.53
N GLN A 109 37.40 -46.78 10.42
CA GLN A 109 38.03 -46.19 11.61
C GLN A 109 38.39 -47.32 12.60
N ILE A 110 37.45 -48.26 12.78
CA ILE A 110 37.66 -49.41 13.66
C ILE A 110 38.88 -50.20 13.15
N VAL A 111 39.01 -50.33 11.83
CA VAL A 111 40.14 -51.03 11.22
C VAL A 111 41.43 -50.31 11.58
N ILE A 112 41.44 -48.99 11.48
CA ILE A 112 42.64 -48.22 11.81
C ILE A 112 42.92 -48.24 13.32
N ASN A 113 41.85 -48.31 14.11
CA ASN A 113 41.98 -48.38 15.57
C ASN A 113 42.51 -49.74 16.02
N ASN A 114 42.18 -50.79 15.26
CA ASN A 114 42.60 -52.15 15.60
C ASN A 114 43.69 -52.72 14.68
N ASN A 115 44.65 -51.86 14.31
CA ASN A 115 45.80 -52.21 13.47
C ASN A 115 45.56 -52.87 12.11
N GLY A 116 44.39 -52.66 11.51
CA GLY A 116 44.08 -53.26 10.22
C GLY A 116 43.61 -54.70 10.35
N SER A 117 42.34 -54.90 10.72
CA SER A 117 41.84 -56.25 10.89
C SER A 117 40.43 -56.52 10.33
N THR A 118 39.61 -57.18 11.15
CA THR A 118 38.23 -57.53 10.81
C THR A 118 37.31 -56.87 11.84
N PHE A 119 36.03 -56.76 11.52
CA PHE A 119 35.06 -56.12 12.41
C PHE A 119 34.52 -56.98 13.51
N LEU A 120 33.90 -56.33 14.49
CA LEU A 120 33.31 -57.05 15.61
C LEU A 120 32.01 -57.77 15.21
N PRO A 121 31.07 -57.06 14.55
CA PRO A 121 29.83 -57.75 14.17
C PRO A 121 30.06 -58.69 12.98
N THR A 122 29.73 -59.96 13.19
CA THR A 122 29.88 -61.04 12.21
C THR A 122 31.33 -61.28 11.77
N GLY A 123 32.26 -60.46 12.26
CA GLY A 123 33.66 -60.60 11.94
C GLY A 123 33.99 -60.47 10.46
N GLN A 124 33.82 -59.27 9.93
CA GLN A 124 34.08 -59.00 8.52
C GLN A 124 35.44 -58.37 8.21
N ASN A 125 36.30 -59.07 7.47
CA ASN A 125 37.58 -58.47 7.09
C ASN A 125 37.10 -57.32 6.18
N TYR A 126 37.29 -56.09 6.65
CA TYR A 126 36.89 -54.93 5.89
C TYR A 126 38.12 -54.38 5.19
N THR A 127 38.48 -55.03 4.10
CA THR A 127 39.65 -54.67 3.31
C THR A 127 39.58 -53.27 2.71
N LYS A 128 40.71 -52.77 2.22
CA LYS A 128 40.79 -51.46 1.60
C LYS A 128 39.83 -51.42 0.42
N THR A 129 39.64 -52.56 -0.22
CA THR A 129 38.73 -52.64 -1.37
C THR A 129 37.26 -52.68 -0.91
N ASP A 130 37.02 -53.13 0.32
CA ASP A 130 35.66 -53.16 0.87
C ASP A 130 35.22 -51.74 1.21
N PHE A 131 36.18 -50.93 1.65
CA PHE A 131 35.91 -49.53 1.98
C PHE A 131 35.86 -48.73 0.69
N GLU A 132 36.76 -49.02 -0.25
CA GLU A 132 36.78 -48.30 -1.52
C GLU A 132 35.50 -48.51 -2.31
N HIS A 133 34.97 -49.73 -2.28
CA HIS A 133 33.74 -50.06 -3.01
C HIS A 133 32.52 -49.41 -2.37
N ASP A 134 32.54 -49.29 -1.05
CA ASP A 134 31.44 -48.68 -0.32
C ASP A 134 31.36 -47.17 -0.56
N VAL A 135 32.51 -46.50 -0.55
CA VAL A 135 32.57 -45.06 -0.76
C VAL A 135 32.36 -44.65 -2.22
N MET A 136 32.94 -45.39 -3.15
CA MET A 136 32.76 -45.02 -4.54
C MET A 136 31.33 -45.29 -4.97
N ASN A 137 30.65 -46.19 -4.26
CA ASN A 137 29.26 -46.50 -4.58
C ASN A 137 28.42 -45.26 -4.23
N VAL A 138 28.73 -44.66 -3.07
CA VAL A 138 28.05 -43.45 -2.59
C VAL A 138 28.45 -42.27 -3.49
N VAL A 139 29.74 -42.13 -3.77
CA VAL A 139 30.20 -41.05 -4.63
C VAL A 139 29.54 -41.11 -6.01
N TRP A 140 29.39 -42.29 -6.58
CA TRP A 140 28.77 -42.38 -7.89
C TRP A 140 27.29 -42.03 -7.83
N SER A 141 26.67 -42.31 -6.67
CA SER A 141 25.25 -42.01 -6.49
C SER A 141 25.01 -40.50 -6.40
N TYR A 142 25.87 -39.81 -5.65
CA TYR A 142 25.75 -38.37 -5.55
C TYR A 142 26.05 -37.74 -6.91
N ALA A 143 26.88 -38.40 -7.72
CA ALA A 143 27.21 -37.91 -9.04
C ALA A 143 26.00 -38.10 -9.94
N ALA A 144 25.33 -39.24 -9.76
CA ALA A 144 24.15 -39.55 -10.56
C ALA A 144 23.04 -38.58 -10.23
N MET A 145 22.93 -38.19 -8.96
CA MET A 145 21.91 -37.26 -8.55
C MET A 145 22.26 -35.80 -8.94
N THR A 146 23.54 -35.49 -9.07
CA THR A 146 23.96 -34.14 -9.45
C THR A 146 23.48 -33.86 -10.86
N VAL A 147 23.64 -34.83 -11.76
CA VAL A 147 23.22 -34.67 -13.16
C VAL A 147 21.72 -34.94 -13.27
N GLY A 148 21.25 -35.86 -12.43
CA GLY A 148 19.84 -36.24 -12.44
C GLY A 148 18.86 -35.19 -11.96
N MET A 149 19.13 -34.66 -10.77
CA MET A 149 18.26 -33.63 -10.20
C MET A 149 18.33 -32.30 -10.94
N TRP A 150 19.33 -32.11 -11.80
CA TRP A 150 19.41 -30.89 -12.60
C TRP A 150 18.36 -31.10 -13.70
N ALA A 151 18.37 -32.28 -14.30
CA ALA A 151 17.39 -32.57 -15.34
C ALA A 151 16.00 -32.62 -14.73
N ALA A 152 15.91 -33.15 -13.51
CA ALA A 152 14.62 -33.26 -12.83
C ALA A 152 14.10 -31.88 -12.45
N GLY A 153 15.01 -31.00 -12.06
CA GLY A 153 14.61 -29.67 -11.67
C GLY A 153 14.20 -28.84 -12.86
N GLN A 154 14.98 -28.87 -13.94
CA GLN A 154 14.70 -28.08 -15.13
C GLN A 154 13.43 -28.49 -15.84
N ILE A 155 13.12 -29.78 -15.85
CA ILE A 155 11.88 -30.21 -16.48
C ILE A 155 10.69 -29.71 -15.68
N THR A 156 10.71 -29.92 -14.36
CA THR A 156 9.61 -29.49 -13.49
C THR A 156 9.23 -28.03 -13.67
N VAL A 157 10.20 -27.12 -13.59
CA VAL A 157 9.92 -25.71 -13.75
C VAL A 157 9.59 -25.29 -15.20
N THR A 158 10.39 -25.70 -16.17
CA THR A 158 10.13 -25.31 -17.55
C THR A 158 8.75 -25.80 -18.01
N CYS A 159 8.40 -27.02 -17.65
CA CYS A 159 7.10 -27.53 -18.04
C CYS A 159 6.00 -26.71 -17.41
N TYR A 160 6.07 -26.51 -16.10
CA TYR A 160 5.02 -25.75 -15.43
C TYR A 160 4.91 -24.27 -15.84
N LEU A 161 6.03 -23.61 -16.10
CA LEU A 161 5.96 -22.21 -16.47
C LEU A 161 5.55 -22.01 -17.93
N TYR A 162 5.87 -22.98 -18.79
CA TYR A 162 5.53 -22.89 -20.20
C TYR A 162 4.03 -23.07 -20.38
N VAL A 163 3.48 -24.06 -19.68
CA VAL A 163 2.04 -24.32 -19.76
C VAL A 163 1.26 -23.20 -19.06
N ALA A 164 1.82 -22.68 -17.97
CA ALA A 164 1.16 -21.60 -17.23
C ALA A 164 1.08 -20.33 -18.06
N GLU A 165 2.10 -20.09 -18.89
CA GLU A 165 2.11 -18.90 -19.73
C GLU A 165 1.25 -19.13 -20.95
N GLN A 166 1.34 -20.32 -21.51
CA GLN A 166 0.58 -20.63 -22.72
C GLN A 166 -0.92 -20.63 -22.41
N MET A 167 -1.27 -21.06 -21.20
CA MET A 167 -2.66 -21.12 -20.78
C MET A 167 -3.23 -19.74 -20.48
N ASN A 168 -2.50 -18.98 -19.68
CA ASN A 168 -2.94 -17.63 -19.30
C ASN A 168 -2.92 -16.63 -20.43
N ASN A 169 -2.13 -16.88 -21.47
CA ASN A 169 -2.09 -15.98 -22.59
C ASN A 169 -3.39 -16.18 -23.36
N ARG A 170 -3.88 -17.42 -23.39
CA ARG A 170 -5.12 -17.70 -24.09
C ARG A 170 -6.28 -17.21 -23.24
N LEU A 171 -6.16 -17.36 -21.93
CA LEU A 171 -7.21 -16.93 -21.00
C LEU A 171 -7.43 -15.43 -21.04
N ARG A 172 -6.34 -14.67 -21.21
CA ARG A 172 -6.41 -13.21 -21.28
C ARG A 172 -7.19 -12.74 -22.51
N ARG A 173 -6.79 -13.20 -23.69
CA ARG A 173 -7.48 -12.78 -24.90
C ARG A 173 -8.91 -13.33 -25.02
N GLU A 174 -9.17 -14.52 -24.49
CA GLU A 174 -10.52 -15.08 -24.55
C GLU A 174 -11.46 -14.32 -23.62
N PHE A 175 -10.90 -13.69 -22.60
CA PHE A 175 -11.69 -12.90 -21.65
C PHE A 175 -12.06 -11.54 -22.26
N VAL A 176 -11.10 -10.87 -22.90
CA VAL A 176 -11.36 -9.59 -23.52
C VAL A 176 -12.30 -9.83 -24.69
N LYS A 177 -12.12 -10.96 -25.38
CA LYS A 177 -12.97 -11.31 -26.52
C LYS A 177 -14.43 -11.43 -26.09
N SER A 178 -14.62 -11.92 -24.86
CA SER A 178 -15.94 -12.14 -24.31
C SER A 178 -16.57 -10.97 -23.58
N ILE A 179 -15.75 -10.16 -22.91
CA ILE A 179 -16.29 -9.03 -22.16
C ILE A 179 -16.85 -7.90 -23.03
N LEU A 180 -16.28 -7.69 -24.20
CA LEU A 180 -16.75 -6.62 -25.08
C LEU A 180 -18.00 -7.04 -25.81
N ARG A 181 -18.28 -8.34 -25.81
CA ARG A 181 -19.46 -8.85 -26.48
C ARG A 181 -20.62 -9.00 -25.48
N GLN A 182 -20.44 -8.52 -24.26
CA GLN A 182 -21.51 -8.61 -23.24
C GLN A 182 -22.59 -7.55 -23.46
N GLU A 183 -23.76 -7.76 -22.85
CA GLU A 183 -24.90 -6.84 -22.96
C GLU A 183 -24.60 -5.62 -22.11
N ILE A 184 -25.16 -4.49 -22.47
CA ILE A 184 -24.91 -3.27 -21.72
C ILE A 184 -25.53 -3.37 -20.33
N SER A 185 -26.59 -4.18 -20.22
CA SER A 185 -27.28 -4.37 -18.95
C SER A 185 -26.36 -4.96 -17.89
N TRP A 186 -25.40 -5.78 -18.33
CA TRP A 186 -24.46 -6.41 -17.40
C TRP A 186 -23.51 -5.37 -16.83
N PHE A 187 -23.16 -4.38 -17.65
CA PHE A 187 -22.27 -3.33 -17.21
C PHE A 187 -23.02 -2.37 -16.28
N ASP A 188 -24.35 -2.52 -16.22
CA ASP A 188 -25.16 -1.68 -15.35
C ASP A 188 -25.12 -2.28 -13.95
N THR A 189 -25.13 -3.61 -13.89
CA THR A 189 -25.09 -4.31 -12.60
C THR A 189 -23.67 -4.22 -12.05
N ASN A 190 -22.69 -4.29 -12.93
CA ASN A 190 -21.28 -4.16 -12.56
C ASN A 190 -20.88 -2.73 -12.90
N HIS A 191 -21.65 -1.79 -12.35
CA HIS A 191 -21.46 -0.36 -12.59
C HIS A 191 -20.19 0.26 -12.01
N SER A 192 -19.33 -0.57 -11.42
CA SER A 192 -18.07 -0.11 -10.84
C SER A 192 -17.07 0.25 -11.95
N GLY A 193 -16.40 1.40 -11.80
CA GLY A 193 -15.42 1.82 -12.78
C GLY A 193 -14.10 1.08 -12.62
N THR A 194 -13.92 0.48 -11.45
CA THR A 194 -12.71 -0.28 -11.14
C THR A 194 -12.84 -1.78 -11.47
N LEU A 195 -13.97 -2.14 -12.10
CA LEU A 195 -14.25 -3.52 -12.50
C LEU A 195 -13.18 -4.06 -13.45
N ALA A 196 -12.84 -3.27 -14.46
CA ALA A 196 -11.84 -3.63 -15.46
C ALA A 196 -10.47 -3.87 -14.87
N THR A 197 -10.06 -2.99 -13.95
CA THR A 197 -8.75 -3.11 -13.31
C THR A 197 -8.70 -4.28 -12.32
N LYS A 198 -9.80 -4.52 -11.61
CA LYS A 198 -9.87 -5.62 -10.66
C LYS A 198 -9.90 -6.96 -11.39
N LEU A 199 -10.51 -7.00 -12.57
CA LEU A 199 -10.58 -8.24 -13.34
C LEU A 199 -9.20 -8.58 -13.93
N PHE A 200 -8.41 -7.56 -14.21
CA PHE A 200 -7.07 -7.79 -14.73
C PHE A 200 -6.08 -8.07 -13.61
N ASP A 201 -6.43 -7.70 -12.39
CA ASP A 201 -5.59 -7.97 -11.23
C ASP A 201 -5.78 -9.45 -10.92
N ASN A 202 -6.98 -9.96 -11.15
CA ASN A 202 -7.31 -11.37 -10.93
C ASN A 202 -6.68 -12.23 -12.01
N LEU A 203 -6.59 -11.66 -13.21
CA LEU A 203 -6.02 -12.35 -14.35
C LEU A 203 -4.53 -12.66 -14.11
N GLU A 204 -3.90 -11.86 -13.24
CA GLU A 204 -2.49 -12.05 -12.89
C GLU A 204 -2.39 -13.04 -11.74
N ARG A 205 -3.34 -13.00 -10.82
CA ARG A 205 -3.35 -13.90 -9.66
C ARG A 205 -3.62 -15.36 -10.03
N VAL A 206 -4.24 -15.57 -11.19
CA VAL A 206 -4.48 -16.92 -11.64
C VAL A 206 -3.14 -17.43 -12.17
N LYS A 207 -2.37 -16.57 -12.84
CA LYS A 207 -1.08 -16.98 -13.40
C LYS A 207 -0.08 -17.33 -12.31
N GLU A 208 -0.10 -16.61 -11.19
CA GLU A 208 0.83 -16.85 -10.10
C GLU A 208 0.60 -18.20 -9.44
N GLY A 209 -0.65 -18.65 -9.41
CA GLY A 209 -0.99 -19.92 -8.77
C GLY A 209 -1.27 -21.12 -9.68
N THR A 210 -0.68 -21.09 -10.87
CA THR A 210 -0.82 -22.18 -11.83
C THR A 210 0.53 -22.40 -12.48
N GLY A 211 1.52 -21.62 -12.03
CA GLY A 211 2.87 -21.72 -12.57
C GLY A 211 3.76 -22.76 -11.89
N ASP A 212 5.03 -22.40 -11.73
CA ASP A 212 6.01 -23.29 -11.12
C ASP A 212 5.73 -23.53 -9.66
N LYS A 213 4.85 -22.71 -9.09
CA LYS A 213 4.51 -22.85 -7.69
C LYS A 213 3.81 -24.17 -7.43
N ILE A 214 3.17 -24.73 -8.47
CA ILE A 214 2.48 -26.02 -8.32
C ILE A 214 3.51 -27.14 -8.39
N GLY A 215 4.52 -26.94 -9.23
CA GLY A 215 5.58 -27.92 -9.36
C GLY A 215 6.27 -28.04 -8.01
N MET A 216 6.52 -26.89 -7.39
CA MET A 216 7.16 -26.84 -6.09
C MET A 216 6.27 -27.50 -5.04
N ALA A 217 4.96 -27.36 -5.19
CA ALA A 217 4.03 -27.93 -4.24
C ALA A 217 4.11 -29.45 -4.27
N PHE A 218 4.26 -30.01 -5.47
CA PHE A 218 4.35 -31.44 -5.60
C PHE A 218 5.70 -31.92 -5.09
N GLN A 219 6.74 -31.12 -5.33
CA GLN A 219 8.09 -31.46 -4.89
C GLN A 219 8.19 -31.52 -3.36
N TYR A 220 7.66 -30.53 -2.68
CA TYR A 220 7.70 -30.53 -1.23
C TYR A 220 6.69 -31.52 -0.65
N LEU A 221 5.69 -31.91 -1.46
CA LEU A 221 4.68 -32.86 -0.99
C LEU A 221 5.30 -34.24 -0.90
N SER A 222 6.03 -34.65 -1.94
CA SER A 222 6.66 -35.97 -1.97
C SER A 222 7.83 -36.08 -1.01
N GLN A 223 8.44 -34.94 -0.67
CA GLN A 223 9.58 -34.92 0.26
C GLN A 223 9.06 -35.24 1.66
N PHE A 224 7.81 -34.91 1.95
CA PHE A 224 7.20 -35.20 3.25
C PHE A 224 6.85 -36.71 3.29
N ILE A 225 6.27 -37.18 2.18
CA ILE A 225 5.90 -38.58 2.08
C ILE A 225 7.13 -39.50 2.05
N THR A 226 7.97 -39.40 1.01
CA THR A 226 9.14 -40.27 0.91
C THR A 226 10.12 -40.03 2.04
N GLY A 227 10.07 -38.85 2.62
CA GLY A 227 10.96 -38.55 3.73
C GLY A 227 10.60 -39.36 4.96
N PHE A 228 9.31 -39.63 5.16
CA PHE A 228 8.89 -40.42 6.31
C PHE A 228 8.83 -41.91 5.98
N ILE A 229 8.73 -42.22 4.68
CA ILE A 229 8.71 -43.62 4.26
C ILE A 229 10.10 -44.15 4.56
N VAL A 230 11.12 -43.42 4.13
CA VAL A 230 12.50 -43.83 4.36
C VAL A 230 12.76 -43.88 5.86
N ALA A 231 12.21 -42.93 6.60
CA ALA A 231 12.39 -42.90 8.05
C ALA A 231 11.78 -44.10 8.75
N PHE A 232 10.55 -44.47 8.35
CA PHE A 232 9.84 -45.57 8.95
C PHE A 232 10.36 -46.95 8.54
N THR A 233 10.86 -47.05 7.31
CA THR A 233 11.38 -48.33 6.82
C THR A 233 12.76 -48.64 7.39
N HIS A 234 13.42 -47.64 7.95
CA HIS A 234 14.74 -47.87 8.55
C HIS A 234 14.65 -48.03 10.06
N SER A 235 13.71 -47.31 10.69
CA SER A 235 13.48 -47.40 12.13
C SER A 235 12.16 -46.77 12.51
N TRP A 236 11.14 -47.60 12.67
CA TRP A 236 9.80 -47.12 13.02
C TRP A 236 9.76 -46.67 14.48
N GLN A 237 10.75 -47.07 15.26
CA GLN A 237 10.77 -46.73 16.67
C GLN A 237 11.30 -45.31 16.91
N LEU A 238 12.44 -44.98 16.31
CA LEU A 238 13.03 -43.66 16.48
C LEU A 238 12.16 -42.55 15.92
N THR A 239 11.45 -42.83 14.82
CA THR A 239 10.57 -41.83 14.22
C THR A 239 9.48 -41.44 15.22
N LEU A 240 8.88 -42.43 15.90
CA LEU A 240 7.84 -42.15 16.87
C LEU A 240 8.47 -41.42 18.06
N VAL A 241 9.70 -41.79 18.39
CA VAL A 241 10.42 -41.16 19.49
C VAL A 241 10.64 -39.69 19.17
N MET A 242 11.03 -39.39 17.93
CA MET A 242 11.26 -38.02 17.51
C MET A 242 9.97 -37.20 17.35
N LEU A 243 8.95 -37.81 16.74
CA LEU A 243 7.68 -37.14 16.51
C LEU A 243 6.94 -36.85 17.80
N ALA A 244 7.38 -37.47 18.88
CA ALA A 244 6.73 -37.26 20.16
C ALA A 244 7.18 -35.95 20.80
N VAL A 245 8.32 -35.46 20.38
CA VAL A 245 8.84 -34.23 20.95
C VAL A 245 8.46 -32.96 20.19
N THR A 246 7.87 -33.12 19.00
CA THR A 246 7.49 -31.97 18.18
C THR A 246 6.34 -31.12 18.77
N PRO A 247 5.38 -31.74 19.48
CA PRO A 247 4.31 -30.89 20.02
C PRO A 247 4.85 -29.87 21.05
N ILE A 248 5.89 -30.25 21.78
CA ILE A 248 6.47 -29.36 22.78
C ILE A 248 7.20 -28.24 22.09
N GLN A 249 7.74 -28.54 20.90
CA GLN A 249 8.46 -27.55 20.10
C GLN A 249 7.42 -26.63 19.44
N ALA A 250 6.29 -27.20 19.03
CA ALA A 250 5.24 -26.42 18.38
C ALA A 250 4.57 -25.46 19.37
N LEU A 251 4.48 -25.88 20.63
CA LEU A 251 3.87 -25.08 21.68
C LEU A 251 4.73 -23.83 21.93
N CYS A 252 6.04 -23.97 21.73
CA CYS A 252 6.94 -22.83 21.88
C CYS A 252 6.77 -21.92 20.68
N GLY A 253 6.44 -22.52 19.53
CA GLY A 253 6.21 -21.76 18.31
C GLY A 253 4.94 -20.93 18.47
N PHE A 254 3.94 -21.54 19.09
CA PHE A 254 2.66 -20.89 19.39
C PHE A 254 2.89 -19.79 20.42
N ALA A 255 3.86 -20.01 21.31
CA ALA A 255 4.21 -19.06 22.34
C ALA A 255 4.75 -17.74 21.76
N ILE A 256 5.41 -17.84 20.61
CA ILE A 256 5.95 -16.65 19.94
C ILE A 256 4.77 -15.92 19.30
N ALA A 257 3.92 -16.67 18.63
CA ALA A 257 2.75 -16.10 17.98
C ALA A 257 1.78 -15.46 18.97
N LYS A 258 1.63 -16.09 20.14
CA LYS A 258 0.72 -15.58 21.18
C LYS A 258 1.25 -14.29 21.78
N SER A 259 2.54 -14.27 22.08
CA SER A 259 3.18 -13.09 22.65
C SER A 259 3.22 -11.90 21.69
N MET A 260 3.74 -12.13 20.49
CA MET A 260 3.86 -11.07 19.50
C MET A 260 2.54 -10.45 19.08
N SER A 261 1.45 -11.20 19.19
CA SER A 261 0.12 -10.70 18.82
C SER A 261 -0.50 -9.86 19.93
N THR A 262 -0.31 -10.29 21.17
CA THR A 262 -0.85 -9.55 22.32
C THR A 262 -0.04 -8.27 22.62
N PHE A 263 1.25 -8.27 22.32
CA PHE A 263 2.08 -7.09 22.54
C PHE A 263 1.95 -6.12 21.36
N ALA A 264 1.48 -6.61 20.22
CA ALA A 264 1.27 -5.75 19.05
C ALA A 264 0.04 -4.90 19.30
N ILE A 265 -0.94 -5.47 19.98
CA ILE A 265 -2.21 -4.79 20.30
C ILE A 265 -2.00 -3.82 21.46
N ARG A 266 -1.25 -4.27 22.46
CA ARG A 266 -0.98 -3.44 23.64
C ARG A 266 -0.05 -2.27 23.37
N GLU A 267 0.91 -2.45 22.49
CA GLU A 267 1.85 -1.40 22.18
C GLU A 267 1.24 -0.33 21.27
N THR A 268 0.38 -0.75 20.35
CA THR A 268 -0.26 0.18 19.42
C THR A 268 -1.32 1.00 20.13
N LEU A 269 -1.95 0.42 21.16
CA LEU A 269 -2.97 1.10 21.95
C LEU A 269 -2.33 2.11 22.91
N ARG A 270 -1.14 1.78 23.43
CA ARG A 270 -0.43 2.68 24.33
C ARG A 270 0.22 3.86 23.61
N TYR A 271 0.61 3.67 22.35
CA TYR A 271 1.18 4.78 21.60
C TYR A 271 0.06 5.58 20.92
N ALA A 272 -1.14 4.99 20.82
CA ALA A 272 -2.30 5.66 20.21
C ALA A 272 -2.62 6.93 20.99
N LYS A 273 -2.35 6.90 22.30
CA LYS A 273 -2.58 8.05 23.19
C LYS A 273 -1.55 9.13 22.89
N ALA A 274 -0.32 8.70 22.63
CA ALA A 274 0.76 9.60 22.29
C ALA A 274 0.57 10.13 20.88
N GLY A 275 -0.02 9.32 20.01
CA GLY A 275 -0.24 9.75 18.64
C GLY A 275 -1.27 10.86 18.52
N LYS A 276 -2.20 10.91 19.49
CA LYS A 276 -3.24 11.94 19.52
C LYS A 276 -2.67 13.24 20.07
N VAL A 277 -1.63 13.13 20.90
CA VAL A 277 -0.96 14.29 21.47
C VAL A 277 -0.20 15.01 20.35
N VAL A 278 0.62 14.28 19.61
CA VAL A 278 1.39 14.88 18.53
C VAL A 278 0.54 15.40 17.37
N GLU A 279 -0.60 14.75 17.12
CA GLU A 279 -1.48 15.16 16.03
C GLU A 279 -2.27 16.42 16.33
N GLU A 280 -2.91 16.48 17.49
CA GLU A 280 -3.73 17.64 17.84
C GLU A 280 -2.97 18.93 18.12
N THR A 281 -1.70 18.83 18.53
CA THR A 281 -0.92 20.03 18.83
C THR A 281 -0.19 20.60 17.61
N ILE A 282 0.25 19.76 16.69
CA ILE A 282 0.94 20.27 15.52
C ILE A 282 -0.11 20.86 14.59
N SER A 283 -1.32 20.28 14.61
CA SER A 283 -2.41 20.74 13.75
C SER A 283 -2.76 22.18 14.12
N SER A 284 -2.77 22.46 15.42
CA SER A 284 -3.06 23.82 15.89
C SER A 284 -1.89 24.28 16.78
N ILE A 285 -0.73 24.44 16.16
CA ILE A 285 0.48 24.85 16.87
C ILE A 285 0.41 26.33 17.25
N ARG A 286 -0.16 27.15 16.39
CA ARG A 286 -0.27 28.58 16.65
C ARG A 286 -1.11 28.82 17.90
N THR A 287 -1.99 27.86 18.20
CA THR A 287 -2.86 27.99 19.36
C THR A 287 -2.11 27.61 20.62
N VAL A 288 -1.49 26.43 20.60
CA VAL A 288 -0.77 25.96 21.76
C VAL A 288 0.45 26.85 22.10
N VAL A 289 1.05 27.48 21.09
CA VAL A 289 2.17 28.38 21.32
C VAL A 289 1.66 29.66 21.99
N SER A 290 0.51 30.15 21.51
CA SER A 290 -0.09 31.37 22.03
C SER A 290 -0.55 31.21 23.46
N LEU A 291 -1.15 30.08 23.76
CA LEU A 291 -1.66 29.81 25.11
C LEU A 291 -0.55 29.38 26.05
N ASN A 292 0.64 29.24 25.50
CA ASN A 292 1.82 28.85 26.27
C ASN A 292 1.69 27.52 27.01
N GLY A 293 1.63 26.45 26.22
CA GLY A 293 1.52 25.10 26.76
C GLY A 293 2.28 24.06 25.95
N LEU A 294 3.45 24.44 25.43
CA LEU A 294 4.26 23.52 24.65
C LEU A 294 4.88 22.51 25.60
N ARG A 295 5.40 22.99 26.73
CA ARG A 295 6.03 22.11 27.69
C ARG A 295 5.02 21.15 28.33
N TYR A 296 3.76 21.57 28.43
CA TYR A 296 2.73 20.74 29.03
C TYR A 296 2.46 19.56 28.11
N GLU A 297 2.55 19.81 26.80
CA GLU A 297 2.31 18.77 25.80
C GLU A 297 3.55 17.88 25.66
N LEU A 298 4.72 18.50 25.77
CA LEU A 298 5.97 17.78 25.66
C LEU A 298 6.07 16.78 26.79
N GLU A 299 5.42 17.09 27.92
CA GLU A 299 5.40 16.24 29.10
C GLU A 299 4.45 15.08 28.90
N ARG A 300 3.28 15.35 28.31
CA ARG A 300 2.28 14.31 28.06
C ARG A 300 2.77 13.28 27.05
N TYR A 301 3.40 13.74 25.97
CA TYR A 301 3.94 12.84 24.96
C TYR A 301 5.07 12.01 25.53
N SER A 302 5.83 12.58 26.45
CA SER A 302 6.96 11.86 27.04
C SER A 302 6.46 10.77 27.97
N THR A 303 5.34 11.03 28.65
CA THR A 303 4.79 10.05 29.57
C THR A 303 4.22 8.89 28.79
N ALA A 304 3.63 9.20 27.64
CA ALA A 304 3.01 8.19 26.81
C ALA A 304 4.01 7.36 26.02
N VAL A 305 5.12 7.95 25.60
CA VAL A 305 6.12 7.21 24.86
C VAL A 305 6.86 6.29 25.81
N GLU A 306 7.02 6.73 27.06
CA GLU A 306 7.70 5.91 28.05
C GLU A 306 6.85 4.67 28.31
N GLU A 307 5.54 4.84 28.21
CA GLU A 307 4.61 3.73 28.43
C GLU A 307 4.72 2.72 27.28
N ALA A 308 4.96 3.23 26.07
CA ALA A 308 5.10 2.36 24.92
C ALA A 308 6.43 1.65 24.98
N LYS A 309 7.42 2.27 25.62
CA LYS A 309 8.75 1.67 25.72
C LYS A 309 8.71 0.54 26.74
N LYS A 310 8.00 0.75 27.83
CA LYS A 310 7.89 -0.28 28.86
C LYS A 310 7.25 -1.54 28.26
N ALA A 311 6.29 -1.35 27.35
CA ALA A 311 5.61 -2.47 26.69
C ALA A 311 6.53 -3.10 25.65
N GLY A 312 7.37 -2.27 25.04
CA GLY A 312 8.31 -2.74 24.03
C GLY A 312 9.45 -3.54 24.63
N VAL A 313 9.87 -3.20 25.84
CA VAL A 313 10.95 -3.94 26.51
C VAL A 313 10.38 -5.27 26.98
N LEU A 314 9.10 -5.28 27.33
CA LEU A 314 8.46 -6.49 27.80
C LEU A 314 8.24 -7.45 26.63
N LYS A 315 8.12 -6.90 25.43
CA LYS A 315 7.93 -7.72 24.23
C LYS A 315 9.19 -8.57 24.07
N GLY A 316 10.35 -7.93 24.21
CA GLY A 316 11.62 -8.64 24.08
C GLY A 316 11.82 -9.72 25.14
N LEU A 317 11.15 -9.57 26.28
CA LEU A 317 11.27 -10.55 27.34
C LEU A 317 10.48 -11.79 26.99
N PHE A 318 9.28 -11.62 26.46
CA PHE A 318 8.46 -12.76 26.09
C PHE A 318 8.93 -13.40 24.78
N LEU A 319 9.62 -12.64 23.95
CA LEU A 319 10.14 -13.18 22.71
C LEU A 319 11.40 -13.97 23.10
N GLY A 320 12.10 -13.48 24.12
CA GLY A 320 13.31 -14.13 24.59
C GLY A 320 13.11 -15.51 25.18
N ILE A 321 12.01 -15.68 25.91
CA ILE A 321 11.71 -16.96 26.52
C ILE A 321 11.17 -17.89 25.44
N SER A 322 10.27 -17.37 24.60
CA SER A 322 9.68 -18.18 23.55
C SER A 322 10.70 -18.69 22.55
N PHE A 323 11.42 -17.77 21.93
CA PHE A 323 12.43 -18.13 20.95
C PHE A 323 13.57 -18.89 21.62
N GLY A 324 13.81 -18.60 22.89
CA GLY A 324 14.88 -19.27 23.62
C GLY A 324 14.49 -20.72 23.92
N ALA A 325 13.23 -20.91 24.27
CA ALA A 325 12.72 -22.24 24.60
C ALA A 325 12.57 -23.10 23.38
N MET A 326 12.19 -22.48 22.26
CA MET A 326 11.99 -23.23 21.03
C MET A 326 13.31 -23.78 20.52
N GLN A 327 14.39 -23.02 20.70
CA GLN A 327 15.68 -23.49 20.25
C GLN A 327 16.20 -24.54 21.21
N ALA A 328 15.85 -24.40 22.49
CA ALA A 328 16.28 -25.34 23.54
C ALA A 328 15.56 -26.67 23.40
N SER A 329 14.25 -26.62 23.17
CA SER A 329 13.46 -27.84 23.04
C SER A 329 13.80 -28.54 21.73
N ASN A 330 14.46 -27.83 20.81
CA ASN A 330 14.85 -28.41 19.53
C ASN A 330 15.99 -29.39 19.72
N PHE A 331 17.00 -28.99 20.50
CA PHE A 331 18.15 -29.86 20.75
C PHE A 331 17.83 -30.97 21.76
N ILE A 332 16.76 -30.79 22.55
CA ILE A 332 16.33 -31.82 23.50
C ILE A 332 15.75 -32.98 22.67
N SER A 333 15.15 -32.65 21.53
CA SER A 333 14.58 -33.63 20.63
C SER A 333 15.74 -34.46 20.05
N PHE A 334 16.88 -33.80 19.85
CA PHE A 334 18.07 -34.48 19.33
C PHE A 334 18.65 -35.36 20.42
N ALA A 335 18.80 -34.79 21.61
CA ALA A 335 19.36 -35.48 22.77
C ALA A 335 18.55 -36.73 23.08
N LEU A 336 17.24 -36.58 23.19
CA LEU A 336 16.37 -37.70 23.52
C LEU A 336 16.40 -38.83 22.49
N ALA A 337 16.69 -38.49 21.25
CA ALA A 337 16.77 -39.47 20.16
C ALA A 337 18.12 -40.15 20.19
N PHE A 338 19.15 -39.43 20.63
CA PHE A 338 20.49 -39.98 20.70
C PHE A 338 20.68 -40.88 21.91
N TYR A 339 20.00 -40.53 23.01
CA TYR A 339 20.08 -41.30 24.25
C TYR A 339 19.46 -42.70 24.11
N ILE A 340 18.33 -42.77 23.39
CA ILE A 340 17.64 -44.03 23.17
C ILE A 340 18.26 -44.71 21.95
N GLY A 341 19.02 -43.95 21.17
CA GLY A 341 19.69 -44.47 20.00
C GLY A 341 20.80 -45.45 20.34
N VAL A 342 21.65 -45.09 21.31
CA VAL A 342 22.72 -45.97 21.73
C VAL A 342 22.09 -47.15 22.50
N GLY A 343 20.93 -46.90 23.10
CA GLY A 343 20.23 -47.93 23.84
C GLY A 343 19.51 -48.88 22.90
N TRP A 344 19.87 -48.85 21.63
CA TRP A 344 19.26 -49.74 20.65
C TRP A 344 20.35 -50.36 19.79
N VAL A 345 21.48 -49.67 19.68
CA VAL A 345 22.59 -50.19 18.89
C VAL A 345 23.33 -51.20 19.78
N HIS A 346 23.39 -50.91 21.08
CA HIS A 346 24.07 -51.79 22.03
C HIS A 346 23.31 -53.10 22.15
N ASP A 347 21.99 -53.03 21.97
CA ASP A 347 21.11 -54.20 22.03
C ASP A 347 21.26 -55.01 20.76
N GLY A 348 21.74 -54.36 19.71
CA GLY A 348 21.91 -55.00 18.42
C GLY A 348 20.64 -54.83 17.61
N SER A 349 19.62 -54.25 18.25
CA SER A 349 18.32 -54.00 17.64
C SER A 349 18.35 -52.99 16.50
N LEU A 350 19.29 -52.04 16.58
CA LEU A 350 19.41 -50.99 15.57
C LEU A 350 20.81 -50.82 15.02
N ASN A 351 20.92 -50.69 13.71
CA ASN A 351 22.21 -50.50 13.06
C ASN A 351 22.57 -49.03 13.19
N PHE A 352 23.86 -48.68 13.15
CA PHE A 352 24.25 -47.28 13.25
C PHE A 352 23.89 -46.50 11.99
N GLY A 353 24.25 -47.04 10.84
CA GLY A 353 23.95 -46.38 9.59
C GLY A 353 22.47 -46.15 9.39
N ASP A 354 21.65 -47.06 9.91
CA ASP A 354 20.20 -46.95 9.77
C ASP A 354 19.66 -45.95 10.78
N MET A 355 20.41 -45.70 11.83
CA MET A 355 19.99 -44.72 12.83
C MET A 355 20.28 -43.32 12.28
N LEU A 356 21.41 -43.19 11.57
CA LEU A 356 21.81 -41.93 10.96
C LEU A 356 20.80 -41.60 9.86
N THR A 357 20.35 -42.62 9.13
CA THR A 357 19.38 -42.45 8.06
C THR A 357 18.04 -42.03 8.61
N THR A 358 17.50 -42.79 9.56
CA THR A 358 16.19 -42.43 10.11
C THR A 358 16.17 -41.06 10.78
N PHE A 359 17.28 -40.67 11.39
CA PHE A 359 17.34 -39.38 12.07
C PHE A 359 17.37 -38.24 11.05
N SER A 360 18.05 -38.46 9.92
CA SER A 360 18.14 -37.46 8.87
C SER A 360 16.84 -37.38 8.08
N SER A 361 16.21 -38.52 7.88
CA SER A 361 14.98 -38.60 7.12
C SER A 361 13.80 -37.87 7.73
N VAL A 362 13.71 -37.89 9.07
CA VAL A 362 12.62 -37.23 9.76
C VAL A 362 12.75 -35.72 9.57
N MET A 363 13.97 -35.22 9.56
CA MET A 363 14.19 -33.80 9.36
C MET A 363 13.74 -33.37 7.96
N MET A 364 14.12 -34.13 6.95
CA MET A 364 13.74 -33.79 5.59
C MET A 364 12.22 -33.82 5.44
N GLY A 365 11.57 -34.67 6.24
CA GLY A 365 10.13 -34.79 6.17
C GLY A 365 9.46 -33.65 6.87
N SER A 366 9.95 -33.29 8.05
CA SER A 366 9.37 -32.20 8.82
C SER A 366 9.59 -30.82 8.17
N MET A 367 10.71 -30.69 7.46
CA MET A 367 11.02 -29.44 6.78
C MET A 367 10.06 -29.26 5.60
N ALA A 368 9.69 -30.37 4.96
CA ALA A 368 8.83 -30.35 3.78
C ALA A 368 7.41 -29.85 4.04
N LEU A 369 6.94 -30.07 5.25
CA LEU A 369 5.60 -29.65 5.62
C LEU A 369 5.47 -28.11 5.59
N GLY A 370 6.47 -27.42 6.13
CA GLY A 370 6.44 -25.96 6.18
C GLY A 370 6.73 -25.28 4.85
N LEU A 371 7.16 -26.05 3.87
CA LEU A 371 7.46 -25.51 2.55
C LEU A 371 6.29 -25.79 1.59
N ALA A 372 5.53 -26.84 1.88
CA ALA A 372 4.40 -27.22 1.05
C ALA A 372 3.24 -26.25 1.25
N GLY A 373 2.99 -25.90 2.51
CA GLY A 373 1.90 -25.00 2.85
C GLY A 373 1.81 -23.73 2.02
N PRO A 374 2.86 -22.92 2.00
CA PRO A 374 2.89 -21.68 1.23
C PRO A 374 2.62 -21.87 -0.27
N GLN A 375 3.04 -23.03 -0.80
CA GLN A 375 2.86 -23.31 -2.22
C GLN A 375 1.42 -23.70 -2.57
N LEU A 376 0.78 -24.47 -1.70
CA LEU A 376 -0.60 -24.90 -1.92
C LEU A 376 -1.55 -23.70 -1.77
N ALA A 377 -1.15 -22.73 -0.97
CA ALA A 377 -1.94 -21.53 -0.71
C ALA A 377 -2.11 -20.66 -1.95
N VAL A 378 -1.06 -20.58 -2.76
CA VAL A 378 -1.08 -19.76 -3.97
C VAL A 378 -2.03 -20.38 -4.99
N LEU A 379 -2.27 -21.67 -4.88
CA LEU A 379 -3.19 -22.36 -5.78
C LEU A 379 -4.59 -22.04 -5.28
N GLY A 380 -4.71 -21.86 -3.98
CA GLY A 380 -6.01 -21.56 -3.40
C GLY A 380 -6.54 -20.20 -3.81
N THR A 381 -5.66 -19.21 -3.85
CA THR A 381 -6.07 -17.87 -4.25
C THR A 381 -6.25 -17.81 -5.76
N ALA A 382 -5.65 -18.76 -6.47
CA ALA A 382 -5.75 -18.82 -7.92
C ALA A 382 -7.13 -19.32 -8.33
N GLN A 383 -7.71 -20.19 -7.51
CA GLN A 383 -9.04 -20.73 -7.80
C GLN A 383 -10.10 -19.67 -7.49
N GLY A 384 -9.79 -18.82 -6.53
CA GLY A 384 -10.73 -17.77 -6.15
C GLY A 384 -10.84 -16.68 -7.19
N ALA A 385 -9.70 -16.06 -7.49
CA ALA A 385 -9.63 -14.97 -8.46
C ALA A 385 -10.22 -15.32 -9.81
N ALA A 386 -10.14 -16.60 -10.17
CA ALA A 386 -10.64 -17.07 -11.46
C ALA A 386 -12.14 -16.93 -11.69
N SER A 387 -12.93 -17.11 -10.65
CA SER A 387 -14.39 -17.03 -10.76
C SER A 387 -14.92 -15.77 -11.44
N GLY A 388 -14.45 -14.61 -10.99
CA GLY A 388 -14.90 -13.37 -11.58
C GLY A 388 -14.62 -13.30 -13.07
N ILE A 389 -13.54 -13.95 -13.48
CA ILE A 389 -13.13 -13.98 -14.87
C ILE A 389 -13.99 -15.00 -15.59
N TYR A 390 -14.09 -16.19 -15.02
CA TYR A 390 -14.85 -17.27 -15.63
C TYR A 390 -16.33 -17.00 -15.88
N GLU A 391 -17.02 -16.41 -14.92
CA GLU A 391 -18.45 -16.13 -15.12
C GLU A 391 -18.67 -15.38 -16.43
N VAL A 392 -17.78 -14.43 -16.71
CA VAL A 392 -17.86 -13.63 -17.93
C VAL A 392 -17.34 -14.45 -19.08
N LEU A 393 -16.26 -15.16 -18.81
CA LEU A 393 -15.59 -15.98 -19.82
C LEU A 393 -16.43 -17.10 -20.42
N ASP A 394 -17.11 -16.78 -21.51
CA ASP A 394 -17.93 -17.72 -22.27
C ASP A 394 -18.88 -18.59 -21.46
N ARG A 395 -18.76 -18.55 -20.13
CA ARG A 395 -19.61 -19.37 -19.28
C ARG A 395 -21.07 -18.89 -19.28
N LYS A 396 -21.29 -17.59 -19.42
CA LYS A 396 -22.66 -17.09 -19.46
C LYS A 396 -22.99 -16.63 -20.88
N PRO A 397 -24.05 -17.19 -21.48
CA PRO A 397 -24.48 -16.83 -22.84
C PRO A 397 -25.33 -15.54 -22.72
N VAL A 398 -24.78 -14.43 -23.20
CA VAL A 398 -25.46 -13.17 -23.09
C VAL A 398 -26.68 -13.06 -24.01
N ILE A 399 -27.79 -12.48 -23.50
CA ILE A 399 -29.03 -12.34 -24.27
C ILE A 399 -28.98 -11.37 -25.45
N ASP A 400 -28.09 -10.41 -25.39
CA ASP A 400 -27.94 -9.45 -26.46
C ASP A 400 -26.55 -9.67 -27.08
N SER A 401 -26.42 -10.75 -27.84
CA SER A 401 -25.14 -11.12 -28.46
C SER A 401 -24.75 -10.17 -29.57
N SER A 402 -23.64 -9.46 -29.35
CA SER A 402 -23.11 -8.50 -30.33
C SER A 402 -22.54 -9.21 -31.56
N SER A 403 -22.44 -10.54 -31.47
CA SER A 403 -21.92 -11.34 -32.58
C SER A 403 -22.89 -12.49 -32.93
N LYS A 404 -23.80 -12.26 -33.87
CA LYS A 404 -24.76 -13.27 -34.29
C LYS A 404 -25.14 -13.05 -35.76
N ALA A 405 -26.38 -13.36 -36.11
CA ALA A 405 -26.88 -13.14 -37.46
C ALA A 405 -28.40 -12.91 -37.43
N GLY A 406 -28.83 -11.70 -37.82
CA GLY A 406 -30.25 -11.34 -37.87
C GLY A 406 -30.62 -11.24 -39.35
N ARG A 407 -30.33 -10.09 -39.96
CA ARG A 407 -30.51 -9.87 -41.40
C ARG A 407 -29.69 -8.66 -41.89
N LYS A 408 -29.12 -8.81 -43.08
CA LYS A 408 -28.25 -7.79 -43.68
C LYS A 408 -28.77 -7.33 -45.06
N ASP A 409 -29.62 -8.16 -45.67
CA ASP A 409 -30.20 -7.90 -47.01
C ASP A 409 -30.79 -6.52 -47.31
N MET A 410 -31.46 -5.92 -46.32
CA MET A 410 -32.13 -4.64 -46.48
C MET A 410 -31.28 -3.39 -46.73
N LYS A 411 -31.86 -2.46 -47.48
CA LYS A 411 -31.23 -1.19 -47.75
C LYS A 411 -32.15 -0.22 -47.04
N ILE A 412 -31.56 0.51 -46.10
CA ILE A 412 -32.28 1.43 -45.23
C ILE A 412 -32.53 2.87 -45.71
N LYS A 413 -33.81 3.25 -45.76
CA LYS A 413 -34.21 4.60 -46.12
C LYS A 413 -34.16 5.44 -44.85
N GLY A 414 -34.74 4.89 -43.77
CA GLY A 414 -34.75 5.59 -42.49
C GLY A 414 -36.10 5.76 -41.82
N ASP A 415 -37.02 4.84 -42.08
CA ASP A 415 -38.35 4.92 -41.47
C ASP A 415 -38.38 4.23 -40.10
N ILE A 416 -38.47 5.04 -39.04
CA ILE A 416 -38.50 4.52 -37.69
C ILE A 416 -39.92 4.56 -37.13
N THR A 417 -40.31 3.54 -36.39
CA THR A 417 -41.65 3.51 -35.82
C THR A 417 -41.63 2.92 -34.44
N VAL A 418 -41.90 3.74 -33.42
CA VAL A 418 -41.96 3.27 -32.04
C VAL A 418 -43.44 2.99 -31.71
N GLU A 419 -43.74 1.76 -31.32
CA GLU A 419 -45.12 1.36 -31.08
C GLU A 419 -45.43 0.74 -29.72
N ASN A 420 -46.19 1.47 -28.90
CA ASN A 420 -46.60 1.01 -27.57
C ASN A 420 -45.45 0.44 -26.77
N VAL A 421 -44.33 1.16 -26.73
CA VAL A 421 -43.13 0.71 -26.04
C VAL A 421 -43.10 0.98 -24.56
N HIS A 422 -43.15 -0.09 -23.77
CA HIS A 422 -43.06 0.01 -22.33
C HIS A 422 -41.65 -0.46 -22.03
N PHE A 423 -40.95 0.23 -21.13
CA PHE A 423 -39.59 -0.17 -20.79
C PHE A 423 -39.16 0.25 -19.39
N THR A 424 -38.34 -0.59 -18.77
CA THR A 424 -37.79 -0.29 -17.45
C THR A 424 -36.38 -0.91 -17.44
N TYR A 425 -35.42 -0.17 -16.88
CA TYR A 425 -34.06 -0.66 -16.83
C TYR A 425 -33.95 -1.86 -15.90
N PRO A 426 -33.11 -2.86 -16.22
CA PRO A 426 -32.91 -4.05 -15.40
C PRO A 426 -32.58 -3.64 -13.95
N SER A 427 -31.60 -2.77 -13.78
CA SER A 427 -31.27 -2.25 -12.44
C SER A 427 -32.42 -1.25 -12.20
N ARG A 428 -32.86 -1.10 -10.95
CA ARG A 428 -34.03 -0.29 -10.59
C ARG A 428 -35.23 -0.63 -11.50
N PRO A 429 -35.69 -1.90 -11.41
CA PRO A 429 -36.82 -2.42 -12.21
C PRO A 429 -38.18 -2.01 -11.65
N ASP A 430 -38.15 -1.23 -10.58
CA ASP A 430 -39.36 -0.77 -9.92
C ASP A 430 -39.88 0.56 -10.50
N VAL A 431 -38.99 1.37 -11.06
CA VAL A 431 -39.41 2.66 -11.62
C VAL A 431 -39.42 2.61 -13.16
N PRO A 432 -40.62 2.58 -13.75
CA PRO A 432 -40.78 2.55 -15.20
C PRO A 432 -40.30 3.84 -15.83
N ILE A 433 -39.92 3.78 -17.10
CA ILE A 433 -39.41 4.95 -17.80
C ILE A 433 -40.27 5.24 -19.01
N LEU A 434 -40.59 4.22 -19.79
CA LEU A 434 -41.46 4.41 -20.94
C LEU A 434 -42.73 3.61 -20.70
N ARG A 435 -43.89 4.22 -20.91
CA ARG A 435 -45.16 3.56 -20.65
C ARG A 435 -46.17 3.68 -21.79
N GLY A 436 -45.93 2.93 -22.86
CA GLY A 436 -46.84 2.95 -23.99
C GLY A 436 -46.60 4.10 -24.95
N MET A 437 -45.33 4.35 -25.27
CA MET A 437 -44.98 5.44 -26.16
C MET A 437 -45.25 5.13 -27.64
N ASN A 438 -45.84 6.08 -28.35
CA ASN A 438 -46.13 5.86 -29.76
C ASN A 438 -45.64 7.01 -30.59
N LEU A 439 -44.59 6.80 -31.38
CA LEU A 439 -44.11 7.88 -32.25
C LEU A 439 -43.69 7.34 -33.62
N ARG A 440 -43.65 8.22 -34.62
CA ARG A 440 -43.29 7.79 -35.96
C ARG A 440 -42.33 8.78 -36.58
N VAL A 441 -41.28 8.28 -37.22
CA VAL A 441 -40.32 9.15 -37.87
C VAL A 441 -40.21 8.67 -39.31
N ASN A 442 -40.50 9.55 -40.26
CA ASN A 442 -40.44 9.20 -41.69
C ASN A 442 -39.07 9.45 -42.26
N ALA A 443 -38.75 8.72 -43.33
CA ALA A 443 -37.46 8.84 -43.98
C ALA A 443 -37.13 10.28 -44.39
N GLY A 444 -36.02 10.80 -43.86
CA GLY A 444 -35.60 12.15 -44.21
C GLY A 444 -35.94 13.20 -43.17
N GLN A 445 -36.96 12.92 -42.36
CA GLN A 445 -37.40 13.87 -41.35
C GLN A 445 -36.40 14.08 -40.24
N THR A 446 -36.28 15.32 -39.77
CA THR A 446 -35.39 15.65 -38.65
C THR A 446 -36.31 15.89 -37.46
N VAL A 447 -36.79 14.79 -36.87
CA VAL A 447 -37.69 14.79 -35.71
C VAL A 447 -36.92 15.13 -34.42
N ALA A 448 -37.62 15.81 -33.52
CA ALA A 448 -37.03 16.26 -32.26
C ALA A 448 -37.86 15.84 -31.04
N LEU A 449 -37.20 15.28 -30.03
CA LEU A 449 -37.89 14.85 -28.80
C LEU A 449 -37.67 15.83 -27.65
N VAL A 450 -38.73 16.51 -27.25
CA VAL A 450 -38.68 17.49 -26.17
C VAL A 450 -39.44 16.99 -24.94
N GLY A 451 -39.09 17.52 -23.78
CA GLY A 451 -39.77 17.08 -22.58
C GLY A 451 -38.97 17.35 -21.32
N SER A 452 -39.53 17.01 -20.17
CA SER A 452 -38.87 17.21 -18.89
C SER A 452 -37.81 16.15 -18.62
N SER A 453 -37.27 16.16 -17.41
CA SER A 453 -36.26 15.21 -17.00
C SER A 453 -36.84 13.81 -16.76
N GLY A 454 -38.09 13.76 -16.30
CA GLY A 454 -38.72 12.49 -16.01
C GLY A 454 -38.88 11.54 -17.19
N CYS A 455 -39.46 12.03 -18.28
CA CYS A 455 -39.68 11.21 -19.45
C CYS A 455 -38.36 10.69 -19.98
N GLY A 456 -38.43 9.58 -20.71
CA GLY A 456 -37.22 9.01 -21.26
C GLY A 456 -37.06 9.23 -22.74
N LYS A 457 -36.67 10.43 -23.12
CA LYS A 457 -36.48 10.73 -24.52
C LYS A 457 -35.18 10.06 -24.88
N SER A 458 -34.20 10.16 -23.98
CA SER A 458 -32.87 9.59 -24.19
C SER A 458 -32.83 8.07 -24.26
N THR A 459 -33.83 7.43 -23.67
CA THR A 459 -33.89 5.97 -23.66
C THR A 459 -34.28 5.45 -25.02
N ILE A 460 -34.96 6.28 -25.83
CA ILE A 460 -35.36 5.89 -27.18
C ILE A 460 -34.11 5.60 -28.00
N ILE A 461 -33.07 6.41 -27.79
CA ILE A 461 -31.81 6.23 -28.49
C ILE A 461 -31.19 4.91 -28.01
N SER A 462 -31.25 4.65 -26.71
CA SER A 462 -30.68 3.43 -26.17
C SER A 462 -31.37 2.20 -26.76
N LEU A 463 -32.68 2.30 -26.99
CA LEU A 463 -33.44 1.20 -27.55
C LEU A 463 -33.31 1.07 -29.05
N LEU A 464 -32.84 2.13 -29.72
CA LEU A 464 -32.62 2.08 -31.17
C LEU A 464 -31.25 1.46 -31.45
N LEU A 465 -30.31 1.61 -30.51
CA LEU A 465 -28.97 1.04 -30.62
C LEU A 465 -29.04 -0.41 -30.13
N ARG A 466 -30.20 -0.75 -29.56
CA ARG A 466 -30.48 -2.07 -29.02
C ARG A 466 -29.54 -2.41 -27.87
N TYR A 467 -29.29 -1.44 -27.00
CA TYR A 467 -28.46 -1.69 -25.83
C TYR A 467 -29.34 -2.47 -24.87
N TYR A 468 -30.64 -2.18 -24.91
CA TYR A 468 -31.60 -2.83 -24.04
C TYR A 468 -32.76 -3.25 -24.90
N ASP A 469 -33.48 -4.28 -24.48
CA ASP A 469 -34.63 -4.76 -25.25
C ASP A 469 -35.95 -4.14 -24.77
N VAL A 470 -36.88 -3.97 -25.69
CA VAL A 470 -38.19 -3.40 -25.38
C VAL A 470 -38.94 -4.41 -24.53
N LEU A 471 -39.37 -4.05 -23.33
CA LEU A 471 -40.09 -5.00 -22.48
C LEU A 471 -41.50 -5.30 -22.97
N LYS A 472 -42.10 -4.38 -23.71
CA LYS A 472 -43.43 -4.57 -24.24
C LYS A 472 -43.61 -3.59 -25.40
N GLY A 473 -43.99 -4.07 -26.57
CA GLY A 473 -44.14 -3.18 -27.72
C GLY A 473 -43.07 -3.49 -28.72
N LYS A 474 -42.93 -2.69 -29.77
CA LYS A 474 -41.88 -2.94 -30.79
C LYS A 474 -41.32 -1.63 -31.37
N ILE A 475 -40.06 -1.67 -31.83
CA ILE A 475 -39.45 -0.51 -32.48
C ILE A 475 -38.97 -1.05 -33.80
N THR A 476 -39.40 -0.43 -34.90
CA THR A 476 -39.08 -0.90 -36.24
C THR A 476 -38.34 0.08 -37.14
N ILE A 477 -37.35 -0.41 -37.86
CA ILE A 477 -36.62 0.40 -38.83
C ILE A 477 -37.00 -0.18 -40.18
N ASP A 478 -37.55 0.68 -41.03
CA ASP A 478 -38.04 0.33 -42.37
C ASP A 478 -38.94 -0.87 -42.32
N GLY A 479 -39.87 -0.86 -41.36
CA GLY A 479 -40.87 -1.92 -41.23
C GLY A 479 -40.43 -3.17 -40.53
N VAL A 480 -39.13 -3.30 -40.33
CA VAL A 480 -38.59 -4.48 -39.69
C VAL A 480 -38.25 -4.25 -38.21
N ASP A 481 -38.71 -5.15 -37.33
CA ASP A 481 -38.46 -5.06 -35.90
C ASP A 481 -36.94 -5.11 -35.66
N VAL A 482 -36.44 -4.26 -34.77
CA VAL A 482 -35.02 -4.18 -34.44
C VAL A 482 -34.45 -5.48 -33.85
N ARG A 483 -35.31 -6.24 -33.18
CA ARG A 483 -34.89 -7.50 -32.57
C ARG A 483 -34.64 -8.57 -33.64
N ASP A 484 -35.08 -8.31 -34.86
CA ASP A 484 -34.91 -9.25 -35.98
C ASP A 484 -33.73 -8.89 -36.89
N ILE A 485 -33.33 -7.62 -36.87
CA ILE A 485 -32.20 -7.16 -37.68
C ILE A 485 -30.87 -7.56 -37.01
N ASN A 486 -29.83 -7.73 -37.83
CA ASN A 486 -28.50 -8.08 -37.33
C ASN A 486 -27.92 -6.92 -36.54
N LEU A 487 -27.56 -7.18 -35.28
CA LEU A 487 -27.02 -6.18 -34.38
C LEU A 487 -25.85 -5.40 -34.94
N GLU A 488 -24.88 -6.09 -35.53
CA GLU A 488 -23.71 -5.42 -36.07
C GLU A 488 -24.12 -4.53 -37.24
N PHE A 489 -25.08 -5.02 -38.03
CA PHE A 489 -25.57 -4.26 -39.17
C PHE A 489 -26.32 -3.03 -38.66
N LEU A 490 -27.14 -3.23 -37.62
CA LEU A 490 -27.92 -2.16 -37.03
C LEU A 490 -27.02 -1.03 -36.56
N ARG A 491 -25.96 -1.38 -35.82
CA ARG A 491 -25.03 -0.38 -35.30
C ARG A 491 -24.27 0.36 -36.39
N LYS A 492 -23.99 -0.33 -37.49
CA LYS A 492 -23.24 0.29 -38.58
C LYS A 492 -24.08 1.33 -39.32
N ASN A 493 -25.39 1.12 -39.37
CA ASN A 493 -26.30 2.03 -40.06
C ASN A 493 -26.79 3.20 -39.19
N VAL A 494 -26.84 2.98 -37.87
CA VAL A 494 -27.29 3.99 -36.92
C VAL A 494 -26.10 4.64 -36.17
N ALA A 495 -25.89 5.93 -36.39
CA ALA A 495 -24.80 6.67 -35.76
C ALA A 495 -25.24 7.40 -34.49
N VAL A 496 -24.36 7.45 -33.51
CA VAL A 496 -24.70 8.08 -32.24
C VAL A 496 -23.76 9.22 -31.88
N VAL A 497 -24.33 10.29 -31.34
CA VAL A 497 -23.50 11.39 -30.88
C VAL A 497 -24.04 11.72 -29.51
N SER A 498 -23.53 11.03 -28.50
CA SER A 498 -23.94 11.19 -27.12
C SER A 498 -23.53 12.53 -26.52
N GLN A 499 -24.07 12.83 -25.34
CA GLN A 499 -23.77 14.09 -24.68
C GLN A 499 -22.32 14.30 -24.31
N GLU A 500 -21.67 13.26 -23.84
CA GLU A 500 -20.26 13.38 -23.49
C GLU A 500 -19.50 12.49 -24.45
N PRO A 501 -18.71 13.10 -25.36
CA PRO A 501 -17.92 12.39 -26.36
C PRO A 501 -16.80 11.52 -25.84
N ALA A 502 -16.73 10.29 -26.36
CA ALA A 502 -15.69 9.37 -25.95
C ALA A 502 -14.66 9.21 -27.06
N LEU A 503 -13.44 9.70 -26.80
CA LEU A 503 -12.32 9.59 -27.75
C LEU A 503 -11.25 8.71 -27.10
N PHE A 504 -10.71 7.76 -27.86
CA PHE A 504 -9.70 6.84 -27.35
C PHE A 504 -8.28 7.42 -27.41
N ASN A 505 -7.38 6.87 -26.59
CA ASN A 505 -6.01 7.36 -26.50
C ASN A 505 -5.19 7.01 -27.74
N CYS A 506 -5.41 7.78 -28.80
CA CYS A 506 -4.70 7.61 -30.06
C CYS A 506 -4.82 8.93 -30.81
N THR A 507 -4.27 9.02 -32.02
CA THR A 507 -4.31 10.27 -32.78
C THR A 507 -5.72 10.62 -33.25
N ILE A 508 -5.93 11.90 -33.52
CA ILE A 508 -7.23 12.41 -34.00
C ILE A 508 -7.74 11.65 -35.23
N GLU A 509 -6.88 11.42 -36.20
CA GLU A 509 -7.29 10.70 -37.39
C GLU A 509 -7.55 9.24 -37.10
N GLU A 510 -6.92 8.70 -36.06
CA GLU A 510 -7.14 7.32 -35.70
C GLU A 510 -8.51 7.16 -35.02
N ASN A 511 -8.95 8.20 -34.33
CA ASN A 511 -10.25 8.18 -33.68
C ASN A 511 -11.36 8.28 -34.71
N ILE A 512 -11.13 9.09 -35.74
CA ILE A 512 -12.11 9.28 -36.80
C ILE A 512 -12.14 8.04 -37.69
N SER A 513 -10.99 7.39 -37.84
CA SER A 513 -10.91 6.22 -38.69
C SER A 513 -11.75 5.06 -38.13
N LEU A 514 -12.05 5.14 -36.84
CA LEU A 514 -12.85 4.10 -36.21
C LEU A 514 -14.29 4.22 -36.68
N GLY A 515 -14.52 5.15 -37.59
CA GLY A 515 -15.86 5.38 -38.12
C GLY A 515 -16.22 4.47 -39.29
N LYS A 516 -15.23 4.19 -40.15
CA LYS A 516 -15.44 3.32 -41.31
C LYS A 516 -14.31 2.29 -41.46
N GLU A 517 -14.64 1.15 -42.07
CA GLU A 517 -13.68 0.06 -42.28
C GLU A 517 -12.57 0.41 -43.28
N GLY A 518 -12.97 0.79 -44.49
CA GLY A 518 -11.99 1.15 -45.50
C GLY A 518 -11.99 2.65 -45.71
N ILE A 519 -11.49 3.38 -44.72
CA ILE A 519 -11.46 4.84 -44.79
C ILE A 519 -10.31 5.42 -45.63
N THR A 520 -10.59 6.46 -46.41
CA THR A 520 -9.56 7.12 -47.23
C THR A 520 -9.32 8.49 -46.59
N ARG A 521 -8.12 9.05 -46.80
CA ARG A 521 -7.77 10.35 -46.23
C ARG A 521 -8.67 11.45 -46.77
N GLU A 522 -9.10 11.28 -48.01
CA GLU A 522 -9.99 12.24 -48.67
C GLU A 522 -11.38 12.16 -48.04
N GLU A 523 -11.77 10.95 -47.63
CA GLU A 523 -13.07 10.67 -47.01
C GLU A 523 -13.17 11.31 -45.62
N MET A 524 -12.06 11.25 -44.89
CA MET A 524 -11.96 11.80 -43.52
C MET A 524 -12.05 13.33 -43.44
N VAL A 525 -11.30 14.03 -44.30
CA VAL A 525 -11.30 15.49 -44.29
C VAL A 525 -12.66 16.08 -44.70
N ALA A 526 -13.35 15.38 -45.61
CA ALA A 526 -14.67 15.81 -46.07
C ALA A 526 -15.65 15.84 -44.88
N ALA A 527 -15.57 14.79 -44.06
CA ALA A 527 -16.42 14.67 -42.87
C ALA A 527 -15.90 15.54 -41.75
N CYS A 528 -14.60 15.83 -41.76
CA CYS A 528 -14.00 16.66 -40.72
C CYS A 528 -14.33 18.15 -40.95
N LYS A 529 -14.50 18.55 -42.21
CA LYS A 529 -14.85 19.93 -42.56
C LYS A 529 -16.34 20.15 -42.28
N MET A 530 -17.13 19.10 -42.50
CA MET A 530 -18.56 19.16 -42.28
C MET A 530 -18.85 19.34 -40.80
N ALA A 531 -18.01 18.76 -39.95
CA ALA A 531 -18.17 18.84 -38.50
C ALA A 531 -17.45 20.05 -37.89
N ASN A 532 -17.01 20.95 -38.74
CA ASN A 532 -16.30 22.17 -38.34
C ASN A 532 -15.08 21.93 -37.46
N ALA A 533 -14.32 20.88 -37.78
CA ALA A 533 -13.13 20.52 -37.02
C ALA A 533 -11.82 20.76 -37.75
N GLU A 534 -11.89 20.94 -39.06
CA GLU A 534 -10.71 21.15 -39.90
C GLU A 534 -9.95 22.43 -39.55
N LYS A 535 -10.68 23.42 -39.06
CA LYS A 535 -10.11 24.70 -38.69
C LYS A 535 -9.09 24.62 -37.53
N PHE A 536 -9.52 24.11 -36.37
CA PHE A 536 -8.65 24.05 -35.20
C PHE A 536 -7.59 22.94 -35.23
N ILE A 537 -7.81 21.90 -36.02
CA ILE A 537 -6.86 20.78 -36.14
C ILE A 537 -5.57 21.23 -36.81
N LYS A 538 -5.71 22.07 -37.84
CA LYS A 538 -4.57 22.58 -38.57
C LYS A 538 -3.78 23.57 -37.71
N THR A 539 -4.46 24.28 -36.79
CA THR A 539 -3.79 25.27 -35.94
C THR A 539 -2.94 24.68 -34.80
N LEU A 540 -3.10 23.38 -34.55
CA LEU A 540 -2.32 22.72 -33.50
C LEU A 540 -1.28 21.80 -34.14
N PRO A 541 -0.09 21.66 -33.49
CA PRO A 541 1.00 20.82 -33.99
C PRO A 541 0.63 19.36 -34.29
N ASN A 542 1.35 18.77 -35.25
CA ASN A 542 1.15 17.40 -35.72
C ASN A 542 -0.16 17.20 -36.50
N GLY A 543 -1.04 18.20 -36.42
CA GLY A 543 -2.31 18.16 -37.13
C GLY A 543 -3.20 17.00 -36.73
N TYR A 544 -3.36 16.04 -37.64
CA TYR A 544 -4.19 14.87 -37.40
C TYR A 544 -3.38 13.79 -36.68
N ASN A 545 -2.08 13.80 -36.88
CA ASN A 545 -1.22 12.79 -36.28
C ASN A 545 -0.92 12.99 -34.80
N THR A 546 -1.63 13.92 -34.16
CA THR A 546 -1.43 14.20 -32.74
C THR A 546 -2.30 13.29 -31.84
N LEU A 547 -1.70 12.76 -30.77
CA LEU A 547 -2.38 11.88 -29.82
C LEU A 547 -3.33 12.70 -28.96
N VAL A 548 -4.58 12.26 -28.88
CA VAL A 548 -5.56 12.94 -28.05
C VAL A 548 -6.03 11.98 -26.96
N GLY A 549 -5.57 12.24 -25.74
CA GLY A 549 -5.92 11.42 -24.60
C GLY A 549 -5.06 11.73 -23.38
N ASP A 550 -4.77 10.71 -22.58
CA ASP A 550 -3.97 10.86 -21.37
C ASP A 550 -2.51 11.27 -21.65
N ARG A 551 -1.84 10.57 -22.57
CA ARG A 551 -0.46 10.87 -22.94
C ARG A 551 -0.34 12.05 -23.90
N GLY A 552 -1.38 12.25 -24.71
CA GLY A 552 -1.38 13.35 -25.66
C GLY A 552 -1.91 14.67 -25.11
N THR A 553 -2.42 15.50 -26.00
CA THR A 553 -2.96 16.81 -25.63
C THR A 553 -4.43 16.78 -25.22
N GLN A 554 -4.76 17.56 -24.20
CA GLN A 554 -6.12 17.67 -23.70
C GLN A 554 -6.89 18.72 -24.50
N LEU A 555 -7.73 18.26 -25.43
CA LEU A 555 -8.54 19.16 -26.26
C LEU A 555 -9.77 19.63 -25.52
N SER A 556 -10.33 20.75 -25.96
CA SER A 556 -11.52 21.35 -25.36
C SER A 556 -12.74 20.47 -25.56
N GLY A 557 -13.71 20.58 -24.65
CA GLY A 557 -14.93 19.80 -24.75
C GLY A 557 -15.64 19.98 -26.08
N GLY A 558 -15.65 21.22 -26.58
CA GLY A 558 -16.27 21.54 -27.85
C GLY A 558 -15.46 21.01 -29.02
N GLN A 559 -14.16 20.91 -28.82
CA GLN A 559 -13.28 20.39 -29.86
C GLN A 559 -13.47 18.88 -29.94
N LYS A 560 -13.53 18.23 -28.77
CA LYS A 560 -13.69 16.78 -28.68
C LYS A 560 -14.99 16.29 -29.28
N GLN A 561 -16.05 17.09 -29.11
CA GLN A 561 -17.36 16.73 -29.63
C GLN A 561 -17.40 16.82 -31.16
N ARG A 562 -16.70 17.80 -31.72
CA ARG A 562 -16.68 17.97 -33.17
C ARG A 562 -15.96 16.82 -33.89
N ILE A 563 -15.03 16.17 -33.19
CA ILE A 563 -14.31 15.04 -33.76
C ILE A 563 -15.25 13.83 -33.70
N ALA A 564 -16.07 13.78 -32.65
CA ALA A 564 -17.03 12.71 -32.44
C ALA A 564 -18.13 12.82 -33.50
N ILE A 565 -18.49 14.06 -33.85
CA ILE A 565 -19.51 14.31 -34.87
C ILE A 565 -18.97 13.82 -36.19
N ALA A 566 -17.69 14.12 -36.42
CA ALA A 566 -17.00 13.73 -37.64
C ALA A 566 -16.94 12.21 -37.74
N ARG A 567 -16.68 11.56 -36.61
CA ARG A 567 -16.58 10.10 -36.57
C ARG A 567 -17.91 9.39 -36.92
N ALA A 568 -19.03 10.06 -36.61
CA ALA A 568 -20.35 9.50 -36.88
C ALA A 568 -20.73 9.73 -38.34
N LEU A 569 -20.12 10.74 -38.95
CA LEU A 569 -20.42 11.09 -40.33
C LEU A 569 -19.64 10.30 -41.38
N VAL A 570 -18.44 9.85 -41.02
CA VAL A 570 -17.59 9.11 -41.95
C VAL A 570 -18.22 7.89 -42.62
N ARG A 571 -18.97 7.10 -41.85
CA ARG A 571 -19.63 5.91 -42.40
C ARG A 571 -20.85 6.28 -43.25
N ASN A 572 -21.26 7.55 -43.19
CA ASN A 572 -22.43 8.10 -43.91
C ASN A 572 -23.69 7.30 -43.57
N PRO A 573 -24.24 7.52 -42.37
CA PRO A 573 -25.43 6.83 -41.87
C PRO A 573 -26.74 7.28 -42.42
N LYS A 574 -27.69 6.35 -42.48
CA LYS A 574 -29.02 6.67 -42.97
C LYS A 574 -29.80 7.27 -41.79
N ILE A 575 -29.57 6.73 -40.60
CA ILE A 575 -30.23 7.20 -39.38
C ILE A 575 -29.16 7.72 -38.42
N LEU A 576 -29.28 8.98 -37.99
CA LEU A 576 -28.32 9.59 -37.06
C LEU A 576 -29.03 10.12 -35.82
N LEU A 577 -28.44 9.87 -34.65
CA LEU A 577 -29.04 10.28 -33.39
C LEU A 577 -28.15 11.24 -32.60
N LEU A 578 -28.74 12.36 -32.16
CA LEU A 578 -28.02 13.36 -31.39
C LEU A 578 -28.65 13.46 -30.00
N ASP A 579 -27.91 13.05 -28.98
CA ASP A 579 -28.39 13.06 -27.61
C ASP A 579 -27.76 14.20 -26.82
N GLU A 580 -28.36 15.37 -26.90
CA GLU A 580 -27.88 16.55 -26.18
C GLU A 580 -26.37 16.75 -26.26
N ALA A 581 -25.85 16.71 -27.48
CA ALA A 581 -24.41 16.89 -27.72
C ALA A 581 -23.85 18.26 -27.27
N THR A 582 -24.73 19.23 -27.07
CA THR A 582 -24.31 20.58 -26.68
C THR A 582 -24.65 20.93 -25.24
N SER A 583 -25.11 19.94 -24.47
CA SER A 583 -25.52 20.15 -23.08
C SER A 583 -24.38 20.35 -22.08
N ALA A 584 -23.28 19.63 -22.28
CA ALA A 584 -22.13 19.72 -21.38
C ALA A 584 -21.04 20.67 -21.90
N LEU A 585 -21.44 21.76 -22.53
CA LEU A 585 -20.49 22.72 -23.07
C LEU A 585 -20.78 24.13 -22.57
N ASP A 586 -19.76 24.99 -22.60
CA ASP A 586 -19.91 26.37 -22.17
C ASP A 586 -20.58 27.19 -23.27
N ALA A 587 -21.10 28.36 -22.91
CA ALA A 587 -21.82 29.25 -23.83
C ALA A 587 -21.01 29.75 -25.02
N GLU A 588 -19.72 29.96 -24.81
CA GLU A 588 -18.84 30.45 -25.87
C GLU A 588 -18.52 29.35 -26.90
N SER A 589 -18.48 28.10 -26.42
CA SER A 589 -18.14 26.95 -27.27
C SER A 589 -19.32 26.24 -27.95
N GLU A 590 -20.55 26.46 -27.44
CA GLU A 590 -21.75 25.82 -27.98
C GLU A 590 -22.14 26.23 -29.40
N GLY A 591 -21.72 27.41 -29.81
CA GLY A 591 -22.07 27.90 -31.14
C GLY A 591 -21.63 27.07 -32.33
N ILE A 592 -20.33 26.80 -32.41
CA ILE A 592 -19.76 26.05 -33.52
C ILE A 592 -20.26 24.63 -33.60
N VAL A 593 -20.45 24.02 -32.43
CA VAL A 593 -20.91 22.64 -32.37
C VAL A 593 -22.30 22.51 -32.97
N GLN A 594 -23.21 23.40 -32.58
CA GLN A 594 -24.57 23.37 -33.12
C GLN A 594 -24.60 23.65 -34.63
N GLN A 595 -23.63 24.44 -35.11
CA GLN A 595 -23.54 24.76 -36.53
C GLN A 595 -23.12 23.50 -37.28
N ALA A 596 -22.42 22.62 -36.55
CA ALA A 596 -21.94 21.37 -37.12
C ALA A 596 -23.03 20.29 -37.05
N LEU A 597 -23.84 20.35 -36.01
CA LEU A 597 -24.92 19.36 -35.83
C LEU A 597 -26.01 19.55 -36.88
N ASP A 598 -26.21 20.78 -37.31
CA ASP A 598 -27.24 21.09 -38.30
C ASP A 598 -26.89 20.54 -39.67
N LYS A 599 -25.62 20.70 -40.06
CA LYS A 599 -25.15 20.21 -41.36
C LYS A 599 -25.12 18.68 -41.41
N ALA A 600 -24.87 18.08 -40.24
CA ALA A 600 -24.81 16.64 -40.12
C ALA A 600 -26.19 16.02 -40.21
N ALA A 601 -27.18 16.75 -39.70
CA ALA A 601 -28.56 16.26 -39.68
C ALA A 601 -29.21 16.24 -41.07
N LYS A 602 -28.81 17.19 -41.91
CA LYS A 602 -29.37 17.32 -43.25
C LYS A 602 -28.96 16.19 -44.16
N GLY A 603 -29.94 15.65 -44.88
CA GLY A 603 -29.67 14.57 -45.82
C GLY A 603 -29.92 13.18 -45.25
N ARG A 604 -30.50 13.11 -44.06
CA ARG A 604 -30.78 11.82 -43.42
C ARG A 604 -31.84 11.97 -42.34
N THR A 605 -32.37 10.85 -41.81
CA THR A 605 -33.36 10.96 -40.75
C THR A 605 -32.59 11.15 -39.43
N THR A 606 -32.97 12.17 -38.68
CA THR A 606 -32.29 12.49 -37.43
C THR A 606 -33.24 12.67 -36.23
N ILE A 607 -32.94 12.03 -35.11
CA ILE A 607 -33.74 12.18 -33.90
C ILE A 607 -32.89 13.00 -32.91
N ILE A 608 -33.34 14.22 -32.59
CA ILE A 608 -32.60 15.12 -31.70
C ILE A 608 -33.18 15.29 -30.30
N ILE A 609 -32.35 15.05 -29.29
CA ILE A 609 -32.74 15.23 -27.90
C ILE A 609 -32.00 16.52 -27.57
N ALA A 610 -32.72 17.57 -27.21
CA ALA A 610 -32.07 18.85 -26.92
C ALA A 610 -32.48 19.46 -25.59
N HIS A 611 -31.55 20.21 -24.98
CA HIS A 611 -31.84 20.88 -23.72
C HIS A 611 -32.34 22.29 -24.09
N ARG A 612 -31.68 22.92 -25.06
CA ARG A 612 -32.05 24.27 -25.52
C ARG A 612 -33.12 24.15 -26.62
N LEU A 613 -34.31 24.65 -26.34
CA LEU A 613 -35.42 24.56 -27.28
C LEU A 613 -35.38 25.55 -28.45
N SER A 614 -34.39 26.43 -28.43
CA SER A 614 -34.27 27.42 -29.49
C SER A 614 -33.79 26.73 -30.76
N THR A 615 -32.84 25.82 -30.59
CA THR A 615 -32.25 25.07 -31.70
C THR A 615 -33.16 23.97 -32.22
N ILE A 616 -34.23 23.71 -31.52
CA ILE A 616 -35.14 22.67 -31.91
C ILE A 616 -36.32 23.22 -32.74
N ARG A 617 -36.41 24.56 -32.81
CA ARG A 617 -37.48 25.26 -33.52
C ARG A 617 -37.79 24.79 -34.93
N ASN A 618 -36.80 24.85 -35.80
CA ASN A 618 -37.02 24.46 -37.19
C ASN A 618 -36.95 22.98 -37.53
N ALA A 619 -37.25 22.13 -36.56
CA ALA A 619 -37.25 20.69 -36.77
C ALA A 619 -38.48 20.38 -37.59
N ASP A 620 -38.41 19.32 -38.40
CA ASP A 620 -39.52 18.91 -39.25
C ASP A 620 -40.74 18.47 -38.45
N LEU A 621 -40.48 18.01 -37.24
CA LEU A 621 -41.54 17.51 -36.37
C LEU A 621 -41.05 17.58 -34.91
N ILE A 622 -41.89 18.05 -34.01
CA ILE A 622 -41.51 18.11 -32.60
C ILE A 622 -42.43 17.18 -31.81
N ILE A 623 -41.85 16.21 -31.12
CA ILE A 623 -42.63 15.27 -30.32
C ILE A 623 -42.38 15.54 -28.84
N SER A 624 -43.45 15.86 -28.11
CA SER A 624 -43.34 16.13 -26.68
C SER A 624 -43.64 14.91 -25.83
N CYS A 625 -42.74 14.63 -24.89
CA CYS A 625 -42.87 13.48 -24.00
C CYS A 625 -43.20 13.90 -22.57
N LYS A 626 -43.89 13.03 -21.85
CA LYS A 626 -44.23 13.26 -20.44
C LYS A 626 -44.47 11.91 -19.76
N ASN A 627 -43.76 11.68 -18.66
CA ASN A 627 -43.87 10.44 -17.89
C ASN A 627 -43.74 9.18 -18.73
N GLY A 628 -42.97 9.27 -19.81
CA GLY A 628 -42.74 8.11 -20.64
C GLY A 628 -43.76 7.83 -21.73
N GLN A 629 -44.45 8.87 -22.20
CA GLN A 629 -45.41 8.70 -23.28
C GLN A 629 -45.55 10.00 -24.04
N VAL A 630 -46.00 9.90 -25.29
CA VAL A 630 -46.16 11.10 -26.10
C VAL A 630 -47.44 11.86 -25.73
N VAL A 631 -47.33 13.17 -25.63
CA VAL A 631 -48.48 14.04 -25.30
C VAL A 631 -48.93 14.83 -26.52
N GLU A 632 -47.97 15.32 -27.31
CA GLU A 632 -48.30 16.05 -28.52
C GLU A 632 -47.25 15.85 -29.62
N VAL A 633 -47.72 15.93 -30.86
CA VAL A 633 -46.88 15.75 -32.06
C VAL A 633 -47.20 16.85 -33.07
N GLY A 634 -46.18 17.51 -33.58
CA GLY A 634 -46.40 18.57 -34.56
C GLY A 634 -45.25 19.54 -34.66
N ASP A 635 -45.25 20.34 -35.71
CA ASP A 635 -44.19 21.32 -35.92
C ASP A 635 -44.33 22.50 -34.96
N HIS A 636 -43.37 23.40 -34.97
CA HIS A 636 -43.37 24.54 -34.07
C HIS A 636 -44.65 25.35 -34.09
N ARG A 637 -45.10 25.70 -35.29
CA ARG A 637 -46.32 26.50 -35.42
C ARG A 637 -47.55 25.83 -34.82
N ALA A 638 -47.70 24.53 -35.06
CA ALA A 638 -48.86 23.80 -34.57
C ALA A 638 -48.93 23.66 -33.05
N LEU A 639 -47.83 23.26 -32.44
CA LEU A 639 -47.80 23.04 -31.00
C LEU A 639 -47.86 24.33 -30.21
N MET A 640 -47.39 25.43 -30.78
CA MET A 640 -47.42 26.70 -30.07
C MET A 640 -48.85 27.23 -30.06
N ALA A 641 -49.63 26.82 -31.06
CA ALA A 641 -51.01 27.25 -31.18
C ALA A 641 -51.96 26.41 -30.31
N GLN A 642 -51.44 25.35 -29.71
CA GLN A 642 -52.23 24.44 -28.86
C GLN A 642 -52.09 24.72 -27.36
N GLN A 643 -51.06 25.48 -26.99
CA GLN A 643 -50.76 25.82 -25.60
C GLN A 643 -50.55 24.55 -24.78
N GLY A 644 -49.84 23.61 -25.38
CA GLY A 644 -49.59 22.33 -24.74
C GLY A 644 -48.35 22.30 -23.86
N LEU A 645 -47.68 21.16 -23.82
CA LEU A 645 -46.47 20.99 -23.03
C LEU A 645 -45.31 21.72 -23.68
N TYR A 646 -45.23 21.65 -25.01
CA TYR A 646 -44.16 22.31 -25.76
C TYR A 646 -44.23 23.81 -25.59
N TYR A 647 -45.45 24.35 -25.67
CA TYR A 647 -45.67 25.80 -25.52
C TYR A 647 -45.20 26.22 -24.12
N ASP A 648 -45.56 25.43 -23.11
CA ASP A 648 -45.18 25.72 -21.75
C ASP A 648 -43.68 25.73 -21.56
N LEU A 649 -43.01 24.78 -22.20
CA LEU A 649 -41.55 24.66 -22.09
C LEU A 649 -40.81 25.77 -22.81
N VAL A 650 -41.28 26.13 -24.00
CA VAL A 650 -40.64 27.19 -24.79
C VAL A 650 -40.74 28.55 -24.11
N THR A 651 -41.94 28.94 -23.74
CA THR A 651 -42.17 30.23 -23.11
C THR A 651 -41.52 30.35 -21.72
N ALA A 652 -41.48 29.24 -20.98
CA ALA A 652 -40.89 29.27 -19.66
C ALA A 652 -39.40 29.46 -19.78
N GLN A 653 -38.79 28.75 -20.74
CA GLN A 653 -37.36 28.80 -20.99
C GLN A 653 -36.96 30.15 -21.55
N THR A 654 -37.70 30.62 -22.56
CA THR A 654 -37.39 31.89 -23.19
C THR A 654 -37.51 33.07 -22.22
N PHE A 655 -38.22 32.85 -21.10
CA PHE A 655 -38.37 33.90 -20.10
C PHE A 655 -37.10 33.90 -19.26
N THR A 656 -36.69 32.72 -18.80
CA THR A 656 -35.50 32.61 -17.95
C THR A 656 -34.31 33.11 -18.72
N ASP A 657 -34.30 32.83 -20.01
CA ASP A 657 -33.23 33.27 -20.90
C ASP A 657 -33.18 34.80 -20.98
N ALA A 658 -34.35 35.43 -21.04
CA ALA A 658 -34.44 36.89 -21.14
C ALA A 658 -34.07 37.61 -19.83
N VAL A 659 -34.35 36.98 -18.70
CA VAL A 659 -34.03 37.54 -17.39
C VAL A 659 -32.53 37.45 -17.14
N ASP A 660 -31.94 36.32 -17.50
CA ASP A 660 -30.49 36.11 -17.32
C ASP A 660 -29.63 36.90 -18.31
N SER A 661 -30.14 37.10 -19.52
CA SER A 661 -29.43 37.83 -20.55
C SER A 661 -29.42 39.34 -20.26
N ALA A 662 -30.48 39.84 -19.63
CA ALA A 662 -30.57 41.26 -19.30
C ALA A 662 -29.69 41.58 -18.09
N ALA A 663 -29.69 40.67 -17.10
CA ALA A 663 -28.91 40.83 -15.87
C ALA A 663 -27.39 40.63 -16.09
N GLU A 664 -27.04 39.68 -16.95
CA GLU A 664 -25.64 39.34 -17.24
C GLU A 664 -25.29 39.26 -18.74
N GLY A 665 -25.30 40.40 -19.42
CA GLY A 665 -24.98 40.46 -20.85
C GLY A 665 -25.72 41.55 -21.59
N GLU A 716 -6.15 9.70 0.17
CA GLU A 716 -7.19 9.10 -0.64
C GLU A 716 -6.73 8.88 -2.09
N ARG A 717 -5.93 9.81 -2.61
CA ARG A 717 -5.42 9.74 -3.98
C ARG A 717 -4.27 8.75 -4.18
N ILE A 718 -3.36 8.67 -3.21
CA ILE A 718 -2.20 7.78 -3.28
C ILE A 718 -2.07 6.84 -2.08
N GLY A 719 -1.61 5.62 -2.34
CA GLY A 719 -1.43 4.62 -1.30
C GLY A 719 -0.46 3.52 -1.70
N LYS A 720 0.60 3.34 -0.90
CA LYS A 720 1.58 2.29 -1.15
C LYS A 720 2.32 1.90 0.14
N ASP A 721 3.25 0.95 0.04
CA ASP A 721 4.03 0.46 1.19
C ASP A 721 5.06 1.45 1.76
N ALA A 722 5.80 1.00 2.78
CA ALA A 722 6.80 1.83 3.46
C ALA A 722 8.08 2.17 2.68
N LEU A 723 8.66 1.18 2.01
CA LEU A 723 9.90 1.35 1.25
C LEU A 723 9.88 2.44 0.18
N SER A 724 8.77 2.55 -0.54
CA SER A 724 8.63 3.53 -1.61
C SER A 724 8.48 4.95 -1.08
N ARG A 725 7.67 5.10 -0.03
CA ARG A 725 7.42 6.39 0.60
C ARG A 725 8.70 6.97 1.19
N LEU A 726 9.45 6.13 1.89
CA LEU A 726 10.70 6.56 2.53
C LEU A 726 11.77 6.99 1.53
N LYS A 727 11.56 6.66 0.26
CA LYS A 727 12.49 7.05 -0.79
C LYS A 727 12.09 8.46 -1.23
N GLN A 728 10.80 8.74 -1.18
CA GLN A 728 10.27 10.05 -1.55
C GLN A 728 10.30 11.02 -0.36
N GLU A 729 10.36 10.46 0.86
CA GLU A 729 10.42 11.28 2.06
C GLU A 729 11.89 11.61 2.35
N LEU A 730 12.80 10.85 1.74
CA LEU A 730 14.24 11.12 1.86
C LEU A 730 14.38 12.30 0.89
N GLU A 731 13.58 12.27 -0.16
CA GLU A 731 13.52 13.33 -1.16
C GLU A 731 12.67 14.40 -0.44
N GLU A 732 12.60 15.61 -1.01
CA GLU A 732 11.85 16.74 -0.41
C GLU A 732 12.74 17.42 0.65
N ASN A 733 13.64 16.64 1.25
CA ASN A 733 14.55 17.15 2.27
C ASN A 733 15.98 17.04 1.76
N ASN A 734 16.94 17.40 2.63
CA ASN A 734 18.36 17.31 2.32
C ASN A 734 18.76 15.86 2.66
N ALA A 735 17.92 15.22 3.47
CA ALA A 735 18.12 13.85 3.97
C ALA A 735 19.14 12.96 3.28
N GLN A 736 20.36 12.98 3.80
CA GLN A 736 21.42 12.10 3.29
C GLN A 736 21.19 10.85 4.15
N LYS A 737 20.84 9.74 3.50
CA LYS A 737 20.55 8.52 4.22
C LYS A 737 21.69 8.02 5.13
N THR A 738 21.31 7.60 6.33
CA THR A 738 22.22 7.13 7.34
C THR A 738 22.77 5.71 7.12
N ASN A 739 23.69 5.29 7.98
CA ASN A 739 24.26 3.97 7.89
C ASN A 739 24.15 3.30 9.25
N LEU A 740 24.69 2.09 9.39
CA LEU A 740 24.61 1.35 10.64
C LEU A 740 25.37 2.02 11.78
N PHE A 741 26.57 2.49 11.52
CA PHE A 741 27.38 3.13 12.57
C PHE A 741 26.75 4.39 13.14
N GLU A 742 26.17 5.21 12.27
CA GLU A 742 25.54 6.45 12.70
C GLU A 742 24.36 6.14 13.61
N ILE A 743 23.63 5.08 13.30
CA ILE A 743 22.47 4.68 14.11
C ILE A 743 22.94 4.16 15.45
N LEU A 744 24.09 3.49 15.45
CA LEU A 744 24.66 2.95 16.68
C LEU A 744 25.19 4.12 17.52
N TYR A 745 25.73 5.13 16.85
CA TYR A 745 26.24 6.30 17.55
C TYR A 745 25.13 7.01 18.35
N HIS A 746 23.91 6.99 17.83
CA HIS A 746 22.77 7.61 18.50
C HIS A 746 22.27 6.68 19.60
N ALA A 747 22.64 5.41 19.52
CA ALA A 747 22.21 4.45 20.53
C ALA A 747 23.29 4.33 21.61
N ARG A 748 24.23 5.27 21.59
CA ARG A 748 25.33 5.28 22.54
C ARG A 748 24.90 5.25 24.01
N PRO A 749 23.85 5.97 24.36
CA PRO A 749 23.46 5.94 25.77
C PRO A 749 23.01 4.56 26.26
N HIS A 750 22.76 3.65 25.33
CA HIS A 750 22.31 2.31 25.71
C HIS A 750 23.35 1.30 25.28
N ALA A 751 24.62 1.69 25.36
CA ALA A 751 25.74 0.85 24.95
C ALA A 751 25.89 -0.42 25.79
N LEU A 752 25.50 -0.37 27.06
CA LEU A 752 25.64 -1.56 27.91
C LEU A 752 24.73 -2.66 27.41
N SER A 753 23.45 -2.34 27.23
CA SER A 753 22.50 -3.34 26.78
C SER A 753 22.91 -3.82 25.39
N LEU A 754 23.45 -2.90 24.60
CA LEU A 754 23.86 -3.20 23.23
C LEU A 754 25.11 -4.11 23.23
N PHE A 755 25.97 -3.92 24.22
CA PHE A 755 27.20 -4.72 24.33
C PHE A 755 26.89 -6.13 24.82
N ILE A 756 26.07 -6.23 25.87
CA ILE A 756 25.66 -7.53 26.39
C ILE A 756 24.94 -8.30 25.27
N GLY A 757 24.10 -7.60 24.52
CA GLY A 757 23.37 -8.22 23.43
C GLY A 757 24.22 -8.72 22.28
N MET A 758 25.27 -7.98 21.91
CA MET A 758 26.13 -8.43 20.82
C MET A 758 27.19 -9.42 21.29
N SER A 759 27.56 -9.33 22.56
CA SER A 759 28.55 -10.24 23.12
C SER A 759 27.92 -11.61 23.30
N THR A 760 26.67 -11.63 23.76
CA THR A 760 25.98 -12.87 23.99
C THR A 760 25.55 -13.48 22.64
N ALA A 761 25.65 -12.68 21.57
CA ALA A 761 25.31 -13.14 20.23
C ALA A 761 26.58 -13.69 19.58
N THR A 762 27.73 -13.24 20.07
CA THR A 762 29.00 -13.75 19.55
C THR A 762 29.26 -15.12 20.21
N ILE A 763 29.02 -15.21 21.52
CA ILE A 763 29.19 -16.47 22.25
C ILE A 763 28.11 -17.41 21.74
N GLY A 764 26.93 -16.87 21.43
CA GLY A 764 25.87 -17.69 20.91
C GLY A 764 26.22 -18.22 19.53
N GLY A 765 27.13 -17.52 18.85
CA GLY A 765 27.55 -17.91 17.51
C GLY A 765 28.40 -19.18 17.50
N PHE A 766 29.15 -19.40 18.58
CA PHE A 766 30.01 -20.55 18.73
C PHE A 766 29.22 -21.84 18.99
N ILE A 767 27.91 -21.73 19.18
CA ILE A 767 27.09 -22.90 19.45
C ILE A 767 26.90 -23.87 18.27
N TYR A 768 26.95 -23.35 17.05
CA TYR A 768 26.81 -24.22 15.88
C TYR A 768 28.11 -24.99 15.60
N PRO A 769 29.29 -24.36 15.73
CA PRO A 769 30.50 -25.13 15.48
C PRO A 769 30.70 -26.20 16.55
N THR A 770 30.25 -25.93 17.77
CA THR A 770 30.38 -26.92 18.84
C THR A 770 29.33 -28.03 18.69
N TYR A 771 28.17 -27.68 18.14
CA TYR A 771 27.13 -28.67 17.89
C TYR A 771 27.69 -29.63 16.83
N SER A 772 28.64 -29.14 16.04
CA SER A 772 29.31 -29.92 15.00
C SER A 772 30.23 -30.94 15.66
N VAL A 773 30.90 -30.52 16.73
CA VAL A 773 31.82 -31.38 17.49
C VAL A 773 30.99 -32.37 18.35
N PHE A 774 29.91 -31.90 18.92
CA PHE A 774 29.06 -32.76 19.73
C PHE A 774 28.38 -33.89 18.94
N PHE A 775 28.20 -33.68 17.63
CA PHE A 775 27.55 -34.68 16.77
C PHE A 775 28.55 -35.67 16.19
N THR A 776 29.67 -35.17 15.67
CA THR A 776 30.67 -36.08 15.13
C THR A 776 31.29 -36.94 16.24
N SER A 777 31.32 -36.42 17.47
CA SER A 777 31.86 -37.16 18.60
C SER A 777 30.93 -38.31 18.98
N PHE A 778 29.63 -38.09 18.84
CA PHE A 778 28.63 -39.13 19.13
C PHE A 778 28.78 -40.26 18.09
N MET A 779 29.25 -39.92 16.89
CA MET A 779 29.47 -40.91 15.85
C MET A 779 30.76 -41.66 16.21
N ASN A 780 31.81 -40.92 16.59
CA ASN A 780 33.10 -41.52 16.93
C ASN A 780 32.97 -42.56 18.04
N VAL A 781 31.87 -42.51 18.80
CA VAL A 781 31.62 -43.49 19.87
C VAL A 781 31.47 -44.88 19.24
N PHE A 782 30.72 -44.94 18.14
CA PHE A 782 30.48 -46.19 17.44
C PHE A 782 31.68 -46.66 16.61
N ALA A 783 32.76 -45.88 16.62
CA ALA A 783 33.95 -46.23 15.84
C ALA A 783 34.94 -47.09 16.60
N GLY A 784 34.49 -48.29 16.96
CA GLY A 784 35.36 -49.22 17.66
C GLY A 784 35.36 -49.04 19.16
N ASN A 785 34.41 -49.69 19.83
CA ASN A 785 34.32 -49.62 21.28
C ASN A 785 33.93 -50.95 21.90
N PRO A 786 34.66 -51.34 22.95
CA PRO A 786 34.37 -52.59 23.65
C PRO A 786 33.06 -52.38 24.44
N ALA A 787 31.93 -52.39 23.74
CA ALA A 787 30.61 -52.18 24.33
C ALA A 787 30.56 -50.88 25.13
N ASP A 788 31.46 -49.96 24.78
CA ASP A 788 31.52 -48.65 25.42
C ASP A 788 30.54 -47.68 24.73
N PHE A 789 29.62 -48.24 23.95
CA PHE A 789 28.64 -47.44 23.25
C PHE A 789 27.68 -46.80 24.24
N LEU A 790 27.67 -47.30 25.47
CA LEU A 790 26.77 -46.76 26.49
C LEU A 790 27.47 -45.71 27.35
N SER A 791 28.69 -46.03 27.78
CA SER A 791 29.47 -45.12 28.63
C SER A 791 29.75 -43.77 27.94
N GLN A 792 30.15 -43.81 26.67
CA GLN A 792 30.44 -42.61 25.89
C GLN A 792 29.22 -42.11 25.11
N GLY A 793 28.31 -43.02 24.78
CA GLY A 793 27.11 -42.70 24.03
C GLY A 793 26.12 -41.88 24.83
N HIS A 794 25.83 -42.31 26.05
CA HIS A 794 24.89 -41.59 26.93
C HIS A 794 25.47 -40.22 27.38
N PHE A 795 26.79 -40.09 27.28
CA PHE A 795 27.46 -38.87 27.67
C PHE A 795 27.14 -37.82 26.64
N TRP A 796 27.50 -38.06 25.38
CA TRP A 796 27.25 -37.08 24.34
C TRP A 796 25.75 -36.79 24.15
N ALA A 797 24.91 -37.78 24.35
CA ALA A 797 23.48 -37.56 24.21
C ALA A 797 23.04 -36.53 25.26
N LEU A 798 23.62 -36.62 26.46
CA LEU A 798 23.28 -35.68 27.53
C LEU A 798 24.01 -34.35 27.33
N MET A 799 25.04 -34.33 26.50
CA MET A 799 25.78 -33.10 26.24
C MET A 799 24.96 -32.19 25.35
N PHE A 800 23.95 -32.75 24.70
CA PHE A 800 23.07 -31.94 23.85
C PHE A 800 22.07 -31.21 24.74
N LEU A 801 21.84 -31.70 25.96
CA LEU A 801 20.95 -31.04 26.90
C LEU A 801 21.68 -29.77 27.37
N VAL A 802 22.98 -29.91 27.61
CA VAL A 802 23.80 -28.78 28.04
C VAL A 802 23.80 -27.76 26.90
N LEU A 803 23.98 -28.23 25.67
CA LEU A 803 24.01 -27.36 24.50
C LEU A 803 22.68 -26.61 24.34
N ALA A 804 21.58 -27.31 24.61
CA ALA A 804 20.25 -26.72 24.50
C ALA A 804 20.07 -25.62 25.55
N ALA A 805 20.62 -25.84 26.74
CA ALA A 805 20.51 -24.85 27.79
C ALA A 805 21.40 -23.68 27.45
N ALA A 806 22.50 -23.95 26.75
CA ALA A 806 23.43 -22.90 26.38
C ALA A 806 22.81 -21.96 25.35
N GLN A 807 22.17 -22.53 24.34
CA GLN A 807 21.54 -21.72 23.30
C GLN A 807 20.26 -21.05 23.81
N GLY A 808 19.56 -21.73 24.70
CA GLY A 808 18.32 -21.18 25.26
C GLY A 808 18.58 -19.89 26.02
N ILE A 809 19.63 -19.89 26.84
CA ILE A 809 20.01 -18.72 27.64
C ILE A 809 20.64 -17.65 26.73
N CYS A 810 21.52 -18.07 25.82
CA CYS A 810 22.16 -17.12 24.90
C CYS A 810 21.14 -16.40 24.02
N SER A 811 20.14 -17.15 23.57
CA SER A 811 19.12 -16.60 22.69
C SER A 811 18.22 -15.66 23.46
N PHE A 812 17.97 -15.96 24.74
CA PHE A 812 17.14 -15.11 25.60
C PHE A 812 17.84 -13.79 25.88
N LEU A 813 19.09 -13.88 26.32
CA LEU A 813 19.87 -12.69 26.63
C LEU A 813 20.09 -11.83 25.39
N MET A 814 20.07 -12.44 24.23
CA MET A 814 20.29 -11.68 23.00
C MET A 814 19.07 -10.84 22.64
N THR A 815 17.92 -11.47 22.44
CA THR A 815 16.72 -10.74 22.07
C THR A 815 16.26 -9.73 23.12
N PHE A 816 16.38 -10.07 24.40
CA PHE A 816 15.95 -9.18 25.47
C PHE A 816 16.76 -7.91 25.60
N PHE A 817 18.08 -8.04 25.67
CA PHE A 817 18.95 -6.87 25.78
C PHE A 817 19.04 -6.03 24.49
N MET A 818 18.93 -6.66 23.33
CA MET A 818 18.96 -5.89 22.09
C MET A 818 17.58 -5.23 22.01
N GLY A 819 16.62 -5.81 22.75
CA GLY A 819 15.26 -5.28 22.79
C GLY A 819 15.22 -3.99 23.58
N ILE A 820 16.03 -3.91 24.63
CA ILE A 820 16.11 -2.71 25.45
C ILE A 820 16.84 -1.62 24.64
N ALA A 821 17.99 -1.96 24.06
CA ALA A 821 18.75 -0.99 23.28
C ALA A 821 17.98 -0.38 22.13
N SER A 822 17.14 -1.18 21.48
CA SER A 822 16.36 -0.70 20.34
C SER A 822 15.16 0.12 20.77
N GLU A 823 14.39 -0.38 21.74
CA GLU A 823 13.20 0.31 22.24
C GLU A 823 13.52 1.59 23.00
N SER A 824 14.71 1.63 23.59
CA SER A 824 15.15 2.80 24.34
C SER A 824 15.57 3.85 23.31
N LEU A 825 16.21 3.43 22.23
CA LEU A 825 16.63 4.35 21.18
C LEU A 825 15.40 4.96 20.50
N THR A 826 14.32 4.19 20.45
CA THR A 826 13.08 4.64 19.86
C THR A 826 12.55 5.77 20.74
N ARG A 827 12.53 5.53 22.05
CA ARG A 827 12.05 6.55 22.99
C ARG A 827 12.94 7.80 22.93
N ASP A 828 14.26 7.60 23.01
CA ASP A 828 15.20 8.71 22.96
C ASP A 828 15.00 9.59 21.72
N LEU A 829 14.80 8.97 20.56
CA LEU A 829 14.62 9.74 19.34
C LEU A 829 13.27 10.42 19.31
N ARG A 830 12.25 9.79 19.90
CA ARG A 830 10.91 10.39 19.90
C ARG A 830 10.85 11.70 20.70
N ASN A 831 11.34 11.68 21.94
CA ASN A 831 11.33 12.86 22.79
C ASN A 831 12.24 13.91 22.20
N LYS A 832 13.33 13.49 21.58
CA LYS A 832 14.26 14.42 20.99
C LYS A 832 13.69 15.11 19.76
N LEU A 833 12.94 14.37 18.96
CA LEU A 833 12.39 14.89 17.73
C LEU A 833 11.19 15.80 17.97
N PHE A 834 10.34 15.44 18.92
CA PHE A 834 9.15 16.23 19.20
C PHE A 834 9.52 17.57 19.87
N ARG A 835 10.61 17.57 20.64
CA ARG A 835 11.07 18.79 21.31
C ARG A 835 11.62 19.69 20.21
N ASN A 836 12.24 19.08 19.21
CA ASN A 836 12.81 19.82 18.09
C ASN A 836 11.69 20.46 17.30
N VAL A 837 10.60 19.72 17.14
CA VAL A 837 9.47 20.23 16.38
C VAL A 837 8.71 21.36 17.12
N LEU A 838 8.42 21.17 18.42
CA LEU A 838 7.69 22.20 19.17
C LEU A 838 8.48 23.51 19.35
N SER A 839 9.80 23.41 19.31
CA SER A 839 10.66 24.56 19.45
C SER A 839 10.81 25.35 18.13
N GLN A 840 10.20 24.86 17.05
CA GLN A 840 10.31 25.53 15.77
C GLN A 840 9.54 26.84 15.67
N HIS A 841 9.98 27.68 14.74
CA HIS A 841 9.41 29.03 14.54
C HIS A 841 8.00 29.25 14.02
N ILE A 842 7.36 28.19 13.54
CA ILE A 842 6.00 28.27 13.00
C ILE A 842 6.06 28.50 11.51
N GLY A 843 7.14 29.09 11.01
CA GLY A 843 7.25 29.23 9.57
C GLY A 843 7.65 27.83 9.08
N PHE A 844 8.04 27.00 10.05
CA PHE A 844 8.45 25.60 9.83
C PHE A 844 7.21 24.82 9.44
N PHE A 845 6.12 25.05 10.17
CA PHE A 845 4.85 24.37 9.95
C PHE A 845 4.13 24.79 8.66
N ASP A 846 4.60 25.86 8.02
CA ASP A 846 4.02 26.34 6.78
C ASP A 846 4.51 25.48 5.61
N SER A 847 5.65 24.82 5.77
CA SER A 847 6.21 23.96 4.73
C SER A 847 5.34 22.71 4.55
N PRO A 848 5.21 22.25 3.29
CA PRO A 848 4.40 21.06 2.97
C PRO A 848 4.86 19.78 3.70
N GLN A 849 6.18 19.57 3.73
CA GLN A 849 6.74 18.38 4.33
C GLN A 849 6.58 18.33 5.84
N ASN A 850 6.28 19.47 6.44
CA ASN A 850 6.11 19.55 7.89
C ASN A 850 4.62 19.64 8.26
N ALA A 851 3.81 18.86 7.53
CA ALA A 851 2.37 18.80 7.74
C ALA A 851 1.99 17.99 8.99
N SER A 852 0.88 18.37 9.61
CA SER A 852 0.40 17.72 10.83
C SER A 852 0.44 16.20 10.78
N GLY A 853 0.12 15.63 9.62
CA GLY A 853 0.14 14.18 9.50
C GLY A 853 1.48 13.58 9.12
N LYS A 854 2.30 14.33 8.39
CA LYS A 854 3.59 13.83 7.97
C LYS A 854 4.60 13.74 9.12
N ILE A 855 4.45 14.59 10.13
CA ILE A 855 5.35 14.56 11.29
C ILE A 855 4.80 13.52 12.25
N SER A 856 3.47 13.42 12.32
CA SER A 856 2.83 12.45 13.21
C SER A 856 3.18 11.01 12.85
N THR A 857 3.20 10.69 11.55
CA THR A 857 3.52 9.34 11.10
C THR A 857 5.02 9.06 11.19
N ARG A 858 5.83 10.11 11.19
CA ARG A 858 7.28 9.95 11.27
C ARG A 858 7.69 9.49 12.66
N LEU A 859 6.95 9.89 13.67
CA LEU A 859 7.25 9.49 15.04
C LEU A 859 6.53 8.17 15.35
N ALA A 860 5.54 7.84 14.52
CA ALA A 860 4.74 6.63 14.70
C ALA A 860 5.30 5.39 14.04
N THR A 861 5.81 5.54 12.82
CA THR A 861 6.31 4.39 12.09
C THR A 861 7.76 4.50 11.69
N ASP A 862 8.22 5.69 11.32
CA ASP A 862 9.60 5.84 10.89
C ASP A 862 10.66 5.65 11.99
N VAL A 863 10.34 5.97 13.24
CA VAL A 863 11.30 5.79 14.32
C VAL A 863 11.35 4.29 14.64
N PRO A 864 10.19 3.61 14.69
CA PRO A 864 10.24 2.17 14.98
C PRO A 864 10.81 1.41 13.77
N ASN A 865 10.85 2.07 12.63
CA ASN A 865 11.36 1.49 11.39
C ASN A 865 12.89 1.48 11.51
N LEU A 866 13.41 2.49 12.20
CA LEU A 866 14.84 2.64 12.42
C LEU A 866 15.28 1.56 13.40
N ARG A 867 14.36 1.16 14.28
CA ARG A 867 14.60 0.13 15.30
C ARG A 867 14.98 -1.25 14.77
N THR A 868 14.30 -1.69 13.72
CA THR A 868 14.55 -2.99 13.14
C THR A 868 15.98 -3.29 12.68
N ALA A 869 16.82 -2.26 12.60
CA ALA A 869 18.20 -2.48 12.17
C ALA A 869 19.13 -2.59 13.36
N ILE A 870 18.55 -2.59 14.56
CA ILE A 870 19.34 -2.68 15.77
C ILE A 870 18.81 -3.71 16.78
N ASP A 871 17.59 -4.21 16.57
CA ASP A 871 17.03 -5.22 17.48
C ASP A 871 17.68 -6.59 17.27
N PHE A 872 16.97 -7.66 17.61
CA PHE A 872 17.54 -9.03 17.48
C PHE A 872 17.81 -9.53 16.07
N ARG A 873 17.18 -8.94 15.06
CA ARG A 873 17.42 -9.35 13.69
C ARG A 873 18.85 -9.03 13.29
N PHE A 874 19.37 -7.90 13.80
CA PHE A 874 20.74 -7.47 13.53
C PHE A 874 21.67 -8.36 14.32
N SER A 875 21.25 -8.70 15.53
CA SER A 875 22.04 -9.52 16.42
C SER A 875 22.30 -10.91 15.87
N THR A 876 21.30 -11.49 15.20
CA THR A 876 21.45 -12.83 14.63
C THR A 876 22.43 -12.86 13.47
N VAL A 877 22.57 -11.75 12.75
CA VAL A 877 23.51 -11.71 11.65
C VAL A 877 24.90 -11.84 12.23
N ILE A 878 25.15 -11.19 13.37
CA ILE A 878 26.45 -11.28 14.03
C ILE A 878 26.67 -12.74 14.42
N THR A 879 25.61 -13.35 14.93
CA THR A 879 25.65 -14.75 15.33
C THR A 879 25.97 -15.64 14.13
N THR A 880 25.36 -15.35 12.99
CA THR A 880 25.59 -16.14 11.80
C THR A 880 26.99 -15.95 11.25
N LEU A 881 27.50 -14.72 11.28
CA LEU A 881 28.82 -14.45 10.78
C LEU A 881 29.91 -15.11 11.61
N VAL A 882 29.73 -15.13 12.93
CA VAL A 882 30.69 -15.75 13.85
C VAL A 882 30.75 -17.26 13.63
N SER A 883 29.60 -17.92 13.52
CA SER A 883 29.58 -19.36 13.28
C SER A 883 30.23 -19.71 11.94
N MET A 884 30.03 -18.86 10.94
CA MET A 884 30.60 -19.07 9.62
C MET A 884 32.12 -18.97 9.64
N VAL A 885 32.66 -18.09 10.48
CA VAL A 885 34.11 -17.93 10.57
C VAL A 885 34.71 -19.00 11.51
N ALA A 886 34.08 -19.19 12.67
CA ALA A 886 34.55 -20.17 13.64
C ALA A 886 34.48 -21.59 13.08
N GLY A 887 33.38 -21.88 12.37
CA GLY A 887 33.20 -23.20 11.79
C GLY A 887 34.22 -23.50 10.70
N ILE A 888 34.45 -22.55 9.78
CA ILE A 888 35.41 -22.76 8.72
C ILE A 888 36.82 -22.84 9.29
N GLY A 889 37.06 -22.12 10.37
CA GLY A 889 38.37 -22.19 11.00
C GLY A 889 38.53 -23.55 11.67
N LEU A 890 37.50 -23.99 12.39
CA LEU A 890 37.50 -25.25 13.08
C LEU A 890 37.66 -26.38 12.07
N ALA A 891 37.18 -26.14 10.85
CA ALA A 891 37.28 -27.14 9.79
C ALA A 891 38.72 -27.26 9.34
N PHE A 892 39.39 -26.12 9.20
CA PHE A 892 40.80 -26.11 8.80
C PHE A 892 41.68 -26.73 9.91
N PHE A 893 41.30 -26.48 11.16
CA PHE A 893 42.01 -26.99 12.32
C PHE A 893 42.01 -28.52 12.32
N TYR A 894 40.93 -29.13 11.83
CA TYR A 894 40.84 -30.58 11.80
C TYR A 894 41.51 -31.21 10.58
N GLY A 895 41.58 -30.47 9.47
CA GLY A 895 42.21 -30.99 8.28
C GLY A 895 42.13 -30.04 7.10
N TRP A 896 43.20 -29.30 6.82
CA TRP A 896 43.21 -28.31 5.74
C TRP A 896 42.95 -28.81 4.32
N GLN A 897 43.33 -30.05 4.03
CA GLN A 897 43.12 -30.56 2.67
C GLN A 897 41.63 -30.73 2.36
N MET A 898 40.89 -31.27 3.34
CA MET A 898 39.47 -31.48 3.18
C MET A 898 38.74 -30.13 3.18
N ALA A 899 39.08 -29.28 4.16
CA ALA A 899 38.47 -27.96 4.28
C ALA A 899 38.58 -27.11 3.01
N LEU A 900 39.80 -27.01 2.47
CA LEU A 900 40.02 -26.19 1.29
C LEU A 900 39.21 -26.66 0.07
N LEU A 901 38.96 -27.96 -0.04
CA LEU A 901 38.21 -28.48 -1.18
C LEU A 901 36.73 -28.08 -1.05
N ILE A 902 36.19 -28.20 0.16
CA ILE A 902 34.79 -27.84 0.41
C ILE A 902 34.58 -26.36 0.17
N ILE A 903 35.43 -25.53 0.74
CA ILE A 903 35.31 -24.08 0.59
C ILE A 903 35.40 -23.61 -0.85
N ALA A 904 36.12 -24.36 -1.69
CA ALA A 904 36.28 -24.01 -3.09
C ALA A 904 34.96 -24.23 -3.84
N ILE A 905 34.12 -25.11 -3.30
CA ILE A 905 32.85 -25.42 -3.94
C ILE A 905 31.71 -24.59 -3.36
N LEU A 906 31.88 -24.08 -2.14
CA LEU A 906 30.83 -23.29 -1.49
C LEU A 906 30.31 -22.09 -2.30
N PRO A 907 31.17 -21.39 -3.05
CA PRO A 907 30.63 -20.27 -3.82
C PRO A 907 29.68 -20.77 -4.91
N ILE A 908 29.88 -22.01 -5.36
CA ILE A 908 29.01 -22.58 -6.37
C ILE A 908 27.71 -23.01 -5.68
N VAL A 909 27.83 -23.50 -4.46
CA VAL A 909 26.67 -23.94 -3.68
C VAL A 909 25.78 -22.75 -3.30
N ALA A 910 26.40 -21.65 -2.88
CA ALA A 910 25.69 -20.44 -2.49
C ALA A 910 24.97 -19.86 -3.70
N PHE A 911 25.63 -19.89 -4.85
CA PHE A 911 25.05 -19.38 -6.09
C PHE A 911 23.76 -20.17 -6.41
N GLY A 912 23.76 -21.46 -6.09
CA GLY A 912 22.59 -22.27 -6.34
C GLY A 912 21.46 -21.92 -5.40
N GLN A 913 21.81 -21.47 -4.19
CA GLN A 913 20.83 -21.07 -3.20
C GLN A 913 20.26 -19.72 -3.62
N TYR A 914 21.12 -18.89 -4.20
CA TYR A 914 20.73 -17.56 -4.69
C TYR A 914 19.69 -17.70 -5.79
N LEU A 915 19.89 -18.66 -6.69
CA LEU A 915 18.97 -18.90 -7.79
C LEU A 915 17.66 -19.54 -7.32
N ARG A 916 17.68 -20.13 -6.13
CA ARG A 916 16.49 -20.78 -5.59
C ARG A 916 15.56 -19.70 -5.08
N GLY A 917 16.11 -18.52 -4.86
CA GLY A 917 15.31 -17.40 -4.38
C GLY A 917 14.40 -16.84 -5.45
N ARG A 918 14.63 -17.24 -6.71
CA ARG A 918 13.84 -16.82 -7.89
C ARG A 918 14.38 -15.59 -8.67
N ARG A 919 15.19 -14.76 -8.00
CA ARG A 919 15.73 -13.56 -8.63
C ARG A 919 16.91 -13.85 -9.54
N PHE A 920 16.75 -13.53 -10.82
CA PHE A 920 17.82 -13.70 -11.78
C PHE A 920 18.19 -12.29 -12.28
N THR A 921 19.46 -12.10 -12.65
CA THR A 921 19.95 -10.78 -13.09
C THR A 921 19.66 -9.83 -11.90
N GLY A 922 19.09 -8.67 -12.14
CA GLY A 922 18.81 -7.79 -11.01
C GLY A 922 17.36 -7.61 -10.56
N LYS A 923 16.48 -7.34 -11.51
CA LYS A 923 15.08 -7.06 -11.22
C LYS A 923 14.13 -7.55 -12.33
N ASN A 924 12.83 -7.56 -12.04
CA ASN A 924 11.80 -7.99 -12.99
C ASN A 924 10.91 -6.84 -13.47
N VAL A 925 11.16 -5.63 -12.95
CA VAL A 925 10.37 -4.43 -13.26
C VAL A 925 10.11 -4.12 -14.76
N LYS A 926 11.10 -4.40 -15.63
CA LYS A 926 10.97 -4.15 -17.06
C LYS A 926 10.26 -5.28 -17.83
N SER A 927 10.32 -6.49 -17.28
CA SER A 927 9.70 -7.69 -17.88
C SER A 927 8.15 -7.65 -17.86
N ALA A 928 7.58 -7.27 -16.71
CA ALA A 928 6.13 -7.21 -16.52
C ALA A 928 5.54 -5.82 -16.78
N SER A 929 6.39 -4.89 -17.24
CA SER A 929 5.96 -3.54 -17.55
C SER A 929 5.27 -3.48 -18.92
N GLU A 930 5.61 -4.43 -19.80
CA GLU A 930 5.03 -4.50 -21.14
C GLU A 930 3.60 -5.10 -21.14
N PHE A 931 3.25 -5.81 -20.06
CA PHE A 931 1.93 -6.41 -19.87
C PHE A 931 0.90 -5.33 -19.51
N ALA A 932 1.38 -4.23 -18.91
CA ALA A 932 0.54 -3.12 -18.50
C ALA A 932 0.04 -2.36 -19.71
N ASP A 933 0.84 -2.35 -20.78
CA ASP A 933 0.48 -1.68 -22.02
C ASP A 933 -0.73 -2.36 -22.66
N SER A 934 -0.74 -3.69 -22.64
CA SER A 934 -1.86 -4.45 -23.21
C SER A 934 -3.09 -4.28 -22.30
N GLY A 935 -2.84 -4.11 -21.01
CA GLY A 935 -3.93 -3.92 -20.07
C GLY A 935 -4.62 -2.59 -20.29
N LYS A 936 -3.82 -1.55 -20.51
CA LYS A 936 -4.33 -0.21 -20.72
C LYS A 936 -5.28 -0.10 -21.91
N ILE A 937 -5.03 -0.91 -22.93
CA ILE A 937 -5.88 -0.91 -24.11
C ILE A 937 -7.19 -1.62 -23.80
N ALA A 938 -7.11 -2.71 -23.05
CA ALA A 938 -8.29 -3.49 -22.70
C ALA A 938 -9.18 -2.79 -21.66
N ILE A 939 -8.54 -2.08 -20.74
CA ILE A 939 -9.29 -1.36 -19.72
C ILE A 939 -10.07 -0.24 -20.39
N GLU A 940 -9.42 0.46 -21.31
CA GLU A 940 -10.05 1.58 -22.04
C GLU A 940 -11.24 1.11 -22.89
N ALA A 941 -11.20 -0.13 -23.35
CA ALA A 941 -12.29 -0.70 -24.15
C ALA A 941 -13.49 -0.98 -23.25
N ILE A 942 -13.21 -1.47 -22.04
CA ILE A 942 -14.26 -1.79 -21.08
C ILE A 942 -14.81 -0.51 -20.44
N GLU A 943 -13.99 0.53 -20.33
CA GLU A 943 -14.44 1.79 -19.75
C GLU A 943 -15.42 2.44 -20.73
N ASN A 944 -15.19 2.22 -22.03
CA ASN A 944 -16.01 2.81 -23.09
C ASN A 944 -16.73 1.76 -23.94
N VAL A 945 -17.26 0.72 -23.31
CA VAL A 945 -17.96 -0.33 -24.04
C VAL A 945 -19.10 0.20 -24.89
N ARG A 946 -19.91 1.07 -24.33
CA ARG A 946 -21.02 1.60 -25.10
C ARG A 946 -20.54 2.19 -26.41
N THR A 947 -19.40 2.87 -26.37
CA THR A 947 -18.90 3.50 -27.58
C THR A 947 -18.31 2.48 -28.54
N VAL A 948 -17.55 1.51 -28.04
CA VAL A 948 -16.97 0.51 -28.95
C VAL A 948 -18.03 -0.47 -29.48
N GLN A 949 -19.12 -0.62 -28.75
CA GLN A 949 -20.18 -1.55 -29.15
C GLN A 949 -21.06 -0.88 -30.23
N ALA A 950 -21.16 0.44 -30.16
CA ALA A 950 -21.97 1.21 -31.10
C ALA A 950 -21.25 1.40 -32.42
N LEU A 951 -19.92 1.49 -32.36
CA LEU A 951 -19.14 1.65 -33.57
C LEU A 951 -18.81 0.28 -34.17
N ALA A 952 -19.27 -0.79 -33.51
CA ALA A 952 -19.03 -2.17 -33.95
C ALA A 952 -17.54 -2.52 -34.01
N ARG A 953 -16.71 -1.67 -33.42
CA ARG A 953 -15.27 -1.85 -33.37
C ARG A 953 -14.81 -2.80 -32.27
N GLU A 954 -15.76 -3.40 -31.57
CA GLU A 954 -15.44 -4.32 -30.49
C GLU A 954 -14.51 -5.44 -30.95
N ASP A 955 -14.52 -5.72 -32.25
CA ASP A 955 -13.68 -6.77 -32.78
C ASP A 955 -12.25 -6.24 -33.03
N THR A 956 -12.16 -4.97 -33.39
CA THR A 956 -10.89 -4.32 -33.68
C THR A 956 -10.08 -4.04 -32.42
N PHE A 957 -10.77 -3.78 -31.30
CA PHE A 957 -10.10 -3.49 -30.02
C PHE A 957 -9.50 -4.78 -29.47
N TYR A 958 -10.12 -5.91 -29.81
CA TYR A 958 -9.65 -7.22 -29.39
C TYR A 958 -8.30 -7.53 -30.08
N GLU A 959 -8.20 -7.25 -31.37
CA GLU A 959 -6.97 -7.50 -32.13
C GLU A 959 -5.82 -6.62 -31.66
N ASN A 960 -6.14 -5.37 -31.30
CA ASN A 960 -5.15 -4.40 -30.84
C ASN A 960 -4.61 -4.77 -29.45
N PHE A 961 -5.42 -5.51 -28.69
CA PHE A 961 -5.03 -5.99 -27.37
C PHE A 961 -4.10 -7.19 -27.60
N CYS A 962 -4.51 -8.10 -28.48
CA CYS A 962 -3.71 -9.28 -28.78
C CYS A 962 -2.33 -8.92 -29.36
N GLU A 963 -2.28 -7.95 -30.28
CA GLU A 963 -1.02 -7.54 -30.88
C GLU A 963 -0.07 -6.96 -29.86
N LYS A 964 -0.63 -6.30 -28.84
CA LYS A 964 0.18 -5.67 -27.81
C LYS A 964 0.58 -6.70 -26.77
N LEU A 965 -0.07 -7.87 -26.82
CA LEU A 965 0.21 -8.95 -25.87
C LEU A 965 1.26 -9.89 -26.45
N ASP A 966 1.39 -9.89 -27.77
CA ASP A 966 2.33 -10.77 -28.45
C ASP A 966 3.79 -10.55 -28.08
N ILE A 967 4.15 -9.29 -27.82
CA ILE A 967 5.54 -8.99 -27.47
C ILE A 967 5.89 -9.59 -26.10
N PRO A 968 5.10 -9.29 -25.05
CA PRO A 968 5.37 -9.83 -23.70
C PRO A 968 5.29 -11.34 -23.60
N HIS A 969 4.40 -11.93 -24.39
CA HIS A 969 4.21 -13.37 -24.39
C HIS A 969 5.37 -14.15 -24.99
N LYS A 970 5.86 -13.70 -26.15
CA LYS A 970 6.97 -14.35 -26.84
C LYS A 970 8.21 -14.38 -25.94
N GLU A 971 8.38 -13.33 -25.15
CA GLU A 971 9.52 -13.23 -24.26
C GLU A 971 9.33 -14.10 -23.03
N ALA A 972 8.08 -14.25 -22.61
CA ALA A 972 7.77 -15.03 -21.42
C ALA A 972 8.05 -16.52 -21.55
N ILE A 973 7.74 -17.11 -22.70
CA ILE A 973 8.00 -18.53 -22.89
C ILE A 973 9.50 -18.72 -23.03
N LYS A 974 10.17 -17.70 -23.53
CA LYS A 974 11.63 -17.76 -23.67
C LYS A 974 12.18 -17.71 -22.24
N GLU A 975 11.47 -16.98 -21.38
CA GLU A 975 11.89 -16.83 -20.01
C GLU A 975 11.67 -18.12 -19.22
N ALA A 976 10.64 -18.86 -19.57
CA ALA A 976 10.33 -20.09 -18.87
C ALA A 976 11.45 -21.11 -19.01
N PHE A 977 12.19 -21.03 -20.10
CA PHE A 977 13.30 -21.97 -20.32
C PHE A 977 14.49 -21.53 -19.48
N ILE A 978 14.73 -20.23 -19.44
CA ILE A 978 15.85 -19.71 -18.67
C ILE A 978 15.59 -19.96 -17.18
N GLN A 979 14.36 -19.72 -16.74
CA GLN A 979 14.00 -19.90 -15.35
C GLN A 979 14.09 -21.38 -14.95
N GLY A 980 13.78 -22.26 -15.90
CA GLY A 980 13.86 -23.69 -15.63
C GLY A 980 15.33 -24.11 -15.49
N LEU A 981 16.17 -23.59 -16.38
CA LEU A 981 17.61 -23.87 -16.38
C LEU A 981 18.20 -23.41 -15.06
N SER A 982 17.68 -22.29 -14.55
CA SER A 982 18.15 -21.73 -13.29
C SER A 982 17.83 -22.64 -12.09
N TYR A 983 16.67 -23.29 -12.12
CA TYR A 983 16.27 -24.17 -11.02
C TYR A 983 16.99 -25.53 -11.14
N GLY A 984 17.43 -25.86 -12.34
CA GLY A 984 18.16 -27.11 -12.51
C GLY A 984 19.49 -26.98 -11.78
N CYS A 985 20.13 -25.82 -11.94
CA CYS A 985 21.39 -25.54 -11.31
C CYS A 985 21.18 -25.40 -9.81
N ALA A 986 20.02 -24.87 -9.43
CA ALA A 986 19.71 -24.65 -8.03
C ALA A 986 19.50 -25.90 -7.21
N SER A 987 18.78 -26.86 -7.78
CA SER A 987 18.44 -28.09 -7.07
C SER A 987 19.36 -29.27 -7.30
N SER A 988 20.57 -28.99 -7.77
CA SER A 988 21.54 -30.04 -8.04
C SER A 988 22.93 -29.68 -7.51
N VAL A 989 23.08 -28.46 -7.04
CA VAL A 989 24.37 -28.02 -6.55
C VAL A 989 24.68 -28.55 -5.15
N LEU A 990 23.67 -29.06 -4.45
CA LEU A 990 23.89 -29.60 -3.12
C LEU A 990 24.52 -30.98 -3.22
N TYR A 991 24.14 -31.70 -4.28
CA TYR A 991 24.66 -33.04 -4.49
C TYR A 991 26.07 -32.93 -5.07
N LEU A 992 26.40 -31.77 -5.65
CA LEU A 992 27.73 -31.57 -6.23
C LEU A 992 28.78 -31.47 -5.11
N LEU A 993 28.35 -30.96 -3.95
CA LEU A 993 29.26 -30.81 -2.83
C LEU A 993 29.58 -32.19 -2.26
N ASN A 994 28.55 -33.01 -2.07
CA ASN A 994 28.74 -34.36 -1.50
C ASN A 994 29.52 -35.32 -2.40
N THR A 995 29.32 -35.21 -3.72
CA THR A 995 29.99 -36.08 -4.64
C THR A 995 31.50 -35.76 -4.69
N CYS A 996 31.88 -34.55 -4.29
CA CYS A 996 33.28 -34.11 -4.28
C CYS A 996 33.95 -34.27 -2.92
N ALA A 997 33.19 -34.01 -1.87
CA ALA A 997 33.71 -34.10 -0.51
C ALA A 997 34.01 -35.52 -0.14
N TYR A 998 33.16 -36.46 -0.57
CA TYR A 998 33.37 -37.87 -0.26
C TYR A 998 34.42 -38.49 -1.17
N ARG A 999 34.57 -37.94 -2.37
CA ARG A 999 35.58 -38.44 -3.31
C ARG A 999 36.94 -38.00 -2.76
N MET A 1000 37.06 -36.73 -2.38
CA MET A 1000 38.30 -36.20 -1.82
C MET A 1000 38.56 -36.80 -0.44
N GLY A 1001 37.49 -37.16 0.25
CA GLY A 1001 37.62 -37.75 1.57
C GLY A 1001 38.24 -39.13 1.44
N LEU A 1002 37.75 -39.92 0.48
CA LEU A 1002 38.25 -41.28 0.24
C LEU A 1002 39.73 -41.27 -0.15
N ALA A 1003 40.11 -40.35 -1.02
CA ALA A 1003 41.49 -40.22 -1.47
C ALA A 1003 42.45 -39.85 -0.33
N LEU A 1004 41.94 -39.34 0.78
CA LEU A 1004 42.80 -38.98 1.89
C LEU A 1004 42.90 -40.11 2.93
N ILE A 1005 42.10 -41.15 2.76
CA ILE A 1005 42.13 -42.27 3.71
C ILE A 1005 42.81 -43.48 3.07
N ILE A 1006 42.61 -43.64 1.78
CA ILE A 1006 43.15 -44.75 1.02
C ILE A 1006 44.66 -44.65 0.79
N THR A 1007 45.26 -43.53 1.20
CA THR A 1007 46.71 -43.30 1.05
C THR A 1007 47.53 -44.22 1.97
N ASP A 1008 48.79 -44.42 1.61
CA ASP A 1008 49.70 -45.31 2.35
C ASP A 1008 50.01 -44.96 3.81
N PRO A 1009 50.38 -43.69 4.11
CA PRO A 1009 50.68 -43.32 5.50
C PRO A 1009 49.61 -43.71 6.56
N PRO A 1010 48.34 -43.21 6.44
CA PRO A 1010 47.67 -42.35 5.46
C PRO A 1010 47.63 -40.87 5.89
N THR A 1011 47.17 -39.99 5.00
CA THR A 1011 47.12 -38.56 5.30
C THR A 1011 46.00 -38.09 6.25
N MET A 1012 44.78 -38.56 6.05
CA MET A 1012 43.68 -38.18 6.94
C MET A 1012 42.86 -39.38 7.44
N GLN A 1013 42.52 -39.38 8.72
CA GLN A 1013 41.73 -40.48 9.29
C GLN A 1013 40.23 -40.35 8.97
N PRO A 1014 39.53 -41.49 8.79
CA PRO A 1014 38.11 -41.55 8.47
C PRO A 1014 37.18 -40.62 9.25
N MET A 1015 37.23 -40.69 10.57
CA MET A 1015 36.37 -39.84 11.38
C MET A 1015 36.75 -38.38 11.28
N ARG A 1016 38.04 -38.09 11.12
CA ARG A 1016 38.51 -36.72 11.05
C ARG A 1016 38.04 -36.07 9.76
N VAL A 1017 37.77 -36.88 8.74
CA VAL A 1017 37.28 -36.38 7.47
C VAL A 1017 35.85 -35.86 7.66
N LEU A 1018 35.07 -36.55 8.47
CA LEU A 1018 33.69 -36.16 8.76
C LEU A 1018 33.62 -34.93 9.69
N ARG A 1019 34.57 -34.80 10.61
CA ARG A 1019 34.58 -33.67 11.53
C ARG A 1019 34.77 -32.35 10.79
N VAL A 1020 35.36 -32.43 9.60
CA VAL A 1020 35.60 -31.25 8.75
C VAL A 1020 34.33 -30.92 7.98
N MET A 1021 33.72 -31.93 7.37
CA MET A 1021 32.48 -31.74 6.61
C MET A 1021 31.38 -31.11 7.45
N TYR A 1022 31.12 -31.70 8.61
CA TYR A 1022 30.06 -31.20 9.48
C TYR A 1022 30.41 -29.88 10.13
N ALA A 1023 31.68 -29.51 10.10
CA ALA A 1023 32.08 -28.25 10.69
C ALA A 1023 31.68 -27.11 9.76
N ILE A 1024 31.64 -27.39 8.45
CA ILE A 1024 31.26 -26.38 7.49
C ILE A 1024 29.77 -26.43 7.19
N THR A 1025 29.25 -27.61 6.89
CA THR A 1025 27.84 -27.74 6.57
C THR A 1025 26.88 -27.37 7.70
N ILE A 1026 27.30 -27.57 8.96
CA ILE A 1026 26.46 -27.21 10.10
C ILE A 1026 26.61 -25.75 10.47
N SER A 1027 27.82 -25.22 10.33
CA SER A 1027 28.10 -23.83 10.66
C SER A 1027 27.63 -22.82 9.61
N THR A 1028 27.24 -23.30 8.44
CA THR A 1028 26.73 -22.41 7.40
C THR A 1028 25.25 -22.67 7.14
N SER A 1029 24.58 -23.30 8.11
CA SER A 1029 23.17 -23.63 8.01
C SER A 1029 22.27 -22.43 8.12
N THR A 1030 22.73 -21.43 8.87
CA THR A 1030 21.96 -20.22 9.12
C THR A 1030 22.25 -19.06 8.17
N LEU A 1031 23.23 -19.22 7.29
CA LEU A 1031 23.64 -18.16 6.37
C LEU A 1031 22.63 -17.84 5.29
N GLY A 1032 21.86 -18.84 4.87
CA GLY A 1032 20.90 -18.62 3.81
C GLY A 1032 19.83 -17.58 4.15
N PHE A 1033 19.32 -17.63 5.38
CA PHE A 1033 18.28 -16.71 5.83
C PHE A 1033 18.84 -15.42 6.42
N ALA A 1034 20.15 -15.37 6.62
CA ALA A 1034 20.78 -14.17 7.18
C ALA A 1034 20.64 -12.97 6.25
N THR A 1035 20.41 -13.23 4.97
CA THR A 1035 20.27 -12.14 4.01
C THR A 1035 18.92 -11.41 4.10
N SER A 1036 18.03 -11.89 4.96
CA SER A 1036 16.71 -11.27 5.13
C SER A 1036 16.80 -9.99 5.96
N TYR A 1037 17.99 -9.70 6.47
CA TYR A 1037 18.20 -8.51 7.27
C TYR A 1037 18.40 -7.28 6.40
N PHE A 1038 19.05 -7.46 5.26
CA PHE A 1038 19.35 -6.34 4.38
C PHE A 1038 18.18 -5.54 3.80
N PRO A 1039 17.02 -6.17 3.57
CA PRO A 1039 15.92 -5.35 3.03
C PRO A 1039 15.41 -4.46 4.17
N GLU A 1040 15.34 -5.02 5.37
CA GLU A 1040 14.90 -4.31 6.55
C GLU A 1040 15.90 -3.22 6.94
N TYR A 1041 17.19 -3.45 6.63
CA TYR A 1041 18.25 -2.49 6.93
C TYR A 1041 18.21 -1.34 5.95
N ALA A 1042 18.00 -1.66 4.68
CA ALA A 1042 17.96 -0.61 3.68
C ALA A 1042 16.77 0.32 3.93
N LYS A 1043 15.66 -0.25 4.41
CA LYS A 1043 14.47 0.54 4.68
C LYS A 1043 14.74 1.45 5.89
N ALA A 1044 15.55 0.96 6.82
CA ALA A 1044 15.90 1.72 8.01
C ALA A 1044 16.94 2.80 7.75
N THR A 1045 17.69 2.67 6.67
CA THR A 1045 18.68 3.68 6.39
C THR A 1045 18.00 4.92 5.84
N PHE A 1046 16.83 4.75 5.23
CA PHE A 1046 16.12 5.91 4.70
C PHE A 1046 15.44 6.65 5.84
N ALA A 1047 14.83 5.90 6.75
CA ALA A 1047 14.15 6.49 7.90
C ALA A 1047 15.12 7.24 8.78
N GLY A 1048 16.30 6.67 9.01
CA GLY A 1048 17.26 7.35 9.84
C GLY A 1048 17.75 8.64 9.20
N GLY A 1049 18.07 8.60 7.91
CA GLY A 1049 18.56 9.79 7.21
C GLY A 1049 17.63 10.98 7.32
N ILE A 1050 16.33 10.70 7.39
CA ILE A 1050 15.31 11.73 7.51
C ILE A 1050 15.32 12.23 8.95
N ILE A 1051 15.19 11.31 9.90
CA ILE A 1051 15.14 11.66 11.32
C ILE A 1051 16.39 12.31 11.85
N PHE A 1052 17.56 11.80 11.51
CA PHE A 1052 18.79 12.41 12.01
C PHE A 1052 19.01 13.80 11.40
N GLY A 1053 18.51 13.98 10.19
CA GLY A 1053 18.66 15.28 9.53
C GLY A 1053 17.64 16.27 10.08
N MET A 1054 16.52 15.76 10.52
CA MET A 1054 15.44 16.57 11.07
C MET A 1054 15.90 17.17 12.39
N LEU A 1055 16.73 16.43 13.11
CA LEU A 1055 17.26 16.86 14.40
C LEU A 1055 18.36 17.89 14.22
N ARG A 1056 18.98 17.92 13.04
CA ARG A 1056 20.04 18.89 12.76
C ARG A 1056 19.50 20.27 12.44
N LYS A 1057 18.23 20.35 12.08
CA LYS A 1057 17.58 21.62 11.75
C LYS A 1057 17.13 22.36 13.02
N ILE A 1058 17.80 23.48 13.32
CA ILE A 1058 17.51 24.28 14.50
C ILE A 1058 16.59 25.46 14.16
N SER A 1059 15.78 25.89 15.14
CA SER A 1059 14.82 26.99 14.94
C SER A 1059 15.42 28.36 14.74
N LYS A 1060 14.74 29.19 13.95
CA LYS A 1060 15.21 30.56 13.69
C LYS A 1060 14.67 31.39 14.86
N ILE A 1061 13.43 31.11 15.29
CA ILE A 1061 12.82 31.79 16.42
C ILE A 1061 12.50 30.69 17.43
N ASP A 1062 13.50 30.33 18.21
CA ASP A 1062 13.41 29.26 19.19
C ASP A 1062 12.44 29.41 20.34
N SER A 1063 11.31 28.72 20.26
CA SER A 1063 10.34 28.77 21.36
C SER A 1063 10.99 27.84 22.38
N LEU A 1064 10.42 27.74 23.58
CA LEU A 1064 10.98 26.89 24.66
C LEU A 1064 12.36 27.39 25.11
N SER A 1065 12.78 28.54 24.60
CA SER A 1065 14.06 29.14 24.96
C SER A 1065 13.97 29.72 26.35
N LEU A 1066 15.06 29.63 27.10
CA LEU A 1066 15.11 30.19 28.44
C LEU A 1066 15.93 31.49 28.41
N ALA A 1067 16.47 31.80 27.23
CA ALA A 1067 17.28 32.98 27.02
C ALA A 1067 16.49 34.22 26.59
N GLY A 1068 17.11 35.40 26.74
CA GLY A 1068 16.46 36.64 26.35
C GLY A 1068 15.97 37.46 27.53
N GLU A 1069 15.41 38.63 27.26
CA GLU A 1069 14.91 39.47 28.34
C GLU A 1069 13.52 39.04 28.83
N LYS A 1070 13.45 38.65 30.10
CA LYS A 1070 12.18 38.25 30.71
C LYS A 1070 11.65 39.45 31.50
N LYS A 1071 10.89 40.32 30.85
CA LYS A 1071 10.37 41.52 31.51
C LYS A 1071 8.86 41.56 31.76
N LYS A 1072 8.45 42.33 32.77
CA LYS A 1072 7.03 42.50 33.11
C LYS A 1072 6.51 43.59 32.18
N LEU A 1073 5.54 43.22 31.34
CA LEU A 1073 4.96 44.13 30.36
C LEU A 1073 3.94 45.12 30.93
N TYR A 1074 3.76 46.24 30.24
CA TYR A 1074 2.78 47.24 30.64
C TYR A 1074 1.84 47.41 29.43
N GLY A 1075 2.41 47.56 28.22
CA GLY A 1075 1.57 47.65 27.06
C GLY A 1075 1.95 48.58 25.95
N LYS A 1076 3.12 49.17 26.05
CA LYS A 1076 3.55 50.11 25.03
C LYS A 1076 3.99 49.44 23.72
N VAL A 1077 3.01 49.08 22.89
CA VAL A 1077 3.30 48.42 21.61
C VAL A 1077 3.62 49.45 20.52
N ILE A 1078 4.76 49.30 19.88
CA ILE A 1078 5.18 50.23 18.84
C ILE A 1078 5.68 49.50 17.61
N PHE A 1079 5.15 49.89 16.45
CA PHE A 1079 5.59 49.33 15.18
C PHE A 1079 6.29 50.47 14.48
N LYS A 1080 7.52 50.25 14.06
CA LYS A 1080 8.29 51.30 13.40
C LYS A 1080 8.77 50.88 12.03
N ASN A 1081 8.19 51.45 10.97
CA ASN A 1081 8.56 51.15 9.58
C ASN A 1081 8.73 49.67 9.32
N VAL A 1082 7.78 48.89 9.86
CA VAL A 1082 7.78 47.44 9.75
C VAL A 1082 7.48 46.89 8.36
N ARG A 1083 8.46 46.19 7.78
CA ARG A 1083 8.30 45.55 6.48
C ARG A 1083 8.37 44.04 6.66
N PHE A 1084 7.37 43.33 6.13
CA PHE A 1084 7.28 41.88 6.31
C PHE A 1084 6.73 41.11 5.12
N ALA A 1085 7.28 39.91 4.90
CA ALA A 1085 6.84 39.03 3.84
C ALA A 1085 6.83 37.62 4.41
N TYR A 1086 5.85 36.81 4.03
CA TYR A 1086 5.73 35.43 4.50
C TYR A 1086 6.89 34.57 4.00
N PRO A 1087 7.36 33.60 4.82
CA PRO A 1087 8.48 32.73 4.44
C PRO A 1087 8.31 31.92 3.16
N GLU A 1088 7.09 31.44 2.92
CA GLU A 1088 6.78 30.65 1.72
C GLU A 1088 6.64 31.51 0.44
N ARG A 1089 6.34 32.79 0.63
CA ARG A 1089 6.20 33.78 -0.46
C ARG A 1089 7.07 34.97 -0.08
N PRO A 1090 8.39 34.80 -0.10
CA PRO A 1090 9.35 35.85 0.27
C PRO A 1090 9.38 37.07 -0.63
N GLU A 1091 9.12 36.87 -1.93
CA GLU A 1091 9.14 37.94 -2.90
C GLU A 1091 8.01 38.96 -2.70
N ILE A 1092 6.77 38.47 -2.62
CA ILE A 1092 5.62 39.35 -2.41
C ILE A 1092 5.55 39.83 -0.96
N GLU A 1093 5.73 41.15 -0.78
CA GLU A 1093 5.74 41.79 0.52
C GLU A 1093 4.35 42.25 0.94
N ILE A 1094 3.92 41.82 2.12
CA ILE A 1094 2.61 42.18 2.65
C ILE A 1094 2.59 43.52 3.41
N LEU A 1095 3.50 43.71 4.35
CA LEU A 1095 3.57 44.98 5.06
C LEU A 1095 4.66 45.84 4.40
N LYS A 1096 4.29 47.04 3.95
CA LYS A 1096 5.19 47.96 3.28
C LYS A 1096 5.45 49.23 4.10
N GLY A 1097 6.03 49.05 5.29
CA GLY A 1097 6.32 50.18 6.16
C GLY A 1097 5.19 50.53 7.11
N LEU A 1098 4.69 49.55 7.85
CA LEU A 1098 3.59 49.79 8.80
C LEU A 1098 4.15 50.45 10.06
N SER A 1099 3.54 51.56 10.46
CA SER A 1099 3.98 52.29 11.63
C SER A 1099 2.80 52.77 12.47
N PHE A 1100 2.85 52.46 13.76
CA PHE A 1100 1.82 52.91 14.70
C PHE A 1100 2.30 52.77 16.13
N SER A 1101 1.53 53.33 17.07
CA SER A 1101 1.88 53.29 18.48
C SER A 1101 0.61 53.11 19.33
N VAL A 1102 0.68 52.23 20.32
CA VAL A 1102 -0.45 51.98 21.20
C VAL A 1102 0.00 52.13 22.65
N GLU A 1103 -0.74 52.89 23.42
CA GLU A 1103 -0.40 53.16 24.83
C GLU A 1103 -1.10 52.18 25.76
N PRO A 1104 -0.59 52.03 27.00
CA PRO A 1104 -1.21 51.12 27.98
C PRO A 1104 -2.69 51.40 28.14
N GLY A 1105 -3.49 50.33 28.16
CA GLY A 1105 -4.93 50.46 28.32
C GLY A 1105 -5.64 50.97 27.08
N GLN A 1106 -4.87 51.43 26.10
CA GLN A 1106 -5.44 51.98 24.88
C GLN A 1106 -5.74 50.90 23.87
N THR A 1107 -6.80 51.11 23.07
CA THR A 1107 -7.20 50.14 22.05
C THR A 1107 -7.03 50.70 20.63
N LEU A 1108 -6.30 50.01 19.78
CA LEU A 1108 -6.14 50.45 18.40
C LEU A 1108 -6.93 49.48 17.53
N ALA A 1109 -7.45 49.98 16.41
CA ALA A 1109 -8.22 49.13 15.51
C ALA A 1109 -7.66 49.24 14.11
N LEU A 1110 -7.39 48.10 13.49
CA LEU A 1110 -6.86 48.04 12.13
C LEU A 1110 -7.97 47.59 11.17
N VAL A 1111 -8.33 48.47 10.24
CA VAL A 1111 -9.37 48.16 9.27
C VAL A 1111 -8.85 48.39 7.86
N GLY A 1112 -9.41 47.65 6.90
CA GLY A 1112 -9.02 47.77 5.51
C GLY A 1112 -9.48 46.62 4.63
N PRO A 1113 -9.03 46.58 3.36
CA PRO A 1113 -9.40 45.53 2.40
C PRO A 1113 -8.69 44.21 2.73
N SER A 1114 -9.02 43.15 2.00
CA SER A 1114 -8.38 41.85 2.24
C SER A 1114 -6.97 41.79 1.64
N GLY A 1115 -6.04 41.21 2.40
CA GLY A 1115 -4.65 41.10 1.93
C GLY A 1115 -3.88 42.42 1.94
N CYS A 1116 -4.35 43.38 2.73
CA CYS A 1116 -3.70 44.68 2.84
C CYS A 1116 -2.49 44.61 3.80
N GLY A 1117 -2.63 43.82 4.87
CA GLY A 1117 -1.55 43.64 5.84
C GLY A 1117 -1.98 43.67 7.29
N LYS A 1118 -3.26 43.94 7.54
CA LYS A 1118 -3.77 44.04 8.91
C LYS A 1118 -3.88 42.70 9.64
N SER A 1119 -3.83 41.62 8.87
CA SER A 1119 -3.94 40.27 9.43
C SER A 1119 -2.62 39.75 10.03
N THR A 1120 -1.50 40.30 9.56
CA THR A 1120 -0.17 39.91 10.01
C THR A 1120 0.29 40.60 11.31
N VAL A 1121 -0.47 41.60 11.76
CA VAL A 1121 -0.13 42.34 12.98
C VAL A 1121 -0.25 41.46 14.24
N VAL A 1122 -1.23 40.57 14.25
CA VAL A 1122 -1.42 39.68 15.39
C VAL A 1122 -0.34 38.59 15.41
N ALA A 1123 0.13 38.20 14.23
CA ALA A 1123 1.15 37.15 14.14
C ALA A 1123 2.53 37.66 14.50
N LEU A 1124 2.93 38.81 13.95
CA LEU A 1124 4.26 39.37 14.22
C LEU A 1124 4.48 39.78 15.66
N LEU A 1125 3.40 40.21 16.33
CA LEU A 1125 3.47 40.65 17.73
C LEU A 1125 3.55 39.44 18.70
N GLU A 1126 3.02 38.29 18.27
CA GLU A 1126 3.09 37.07 19.07
C GLU A 1126 4.36 36.32 18.68
N ARG A 1127 5.14 36.96 17.80
CA ARG A 1127 6.42 36.43 17.31
C ARG A 1127 6.34 35.10 16.55
N PHE A 1128 5.36 34.98 15.66
CA PHE A 1128 5.22 33.78 14.86
C PHE A 1128 6.21 33.91 13.71
N TYR A 1129 6.56 35.14 13.37
CA TYR A 1129 7.49 35.42 12.27
C TYR A 1129 8.33 36.62 12.65
N ASP A 1130 9.51 36.74 12.02
CA ASP A 1130 10.40 37.88 12.27
C ASP A 1130 10.24 38.90 11.17
N THR A 1131 10.44 40.16 11.51
CA THR A 1131 10.34 41.27 10.57
C THR A 1131 11.49 41.27 9.54
N LEU A 1132 11.18 41.66 8.31
CA LEU A 1132 12.17 41.75 7.24
C LEU A 1132 12.61 43.21 7.02
N GLY A 1133 12.62 43.97 8.11
CA GLY A 1133 12.99 45.39 8.07
C GLY A 1133 12.13 46.17 9.07
N GLY A 1134 12.78 46.98 9.91
CA GLY A 1134 12.04 47.77 10.90
C GLY A 1134 11.93 47.00 12.19
N GLU A 1135 11.65 47.67 13.29
CA GLU A 1135 11.57 47.01 14.59
C GLU A 1135 10.18 47.07 15.22
N ILE A 1136 9.91 46.16 16.14
CA ILE A 1136 8.64 46.16 16.87
C ILE A 1136 9.05 46.26 18.33
N PHE A 1137 8.69 47.36 18.98
CA PHE A 1137 9.05 47.55 20.36
C PHE A 1137 7.89 47.27 21.28
N ILE A 1138 8.12 46.48 22.32
CA ILE A 1138 7.08 46.21 23.31
C ILE A 1138 7.66 46.72 24.64
N ASP A 1139 7.10 47.82 25.12
CA ASP A 1139 7.52 48.50 26.35
C ASP A 1139 8.98 48.90 26.29
N GLY A 1140 9.40 49.44 25.14
CA GLY A 1140 10.77 49.90 24.99
C GLY A 1140 11.74 48.91 24.35
N SER A 1141 11.59 47.65 24.71
CA SER A 1141 12.46 46.58 24.19
C SER A 1141 12.00 46.10 22.80
N GLU A 1142 12.96 45.82 21.91
CA GLU A 1142 12.64 45.31 20.58
C GLU A 1142 12.22 43.85 20.78
N ILE A 1143 11.23 43.40 20.01
CA ILE A 1143 10.67 42.07 20.19
C ILE A 1143 11.68 40.93 20.10
N LYS A 1144 12.72 41.10 19.29
CA LYS A 1144 13.71 40.05 19.17
C LYS A 1144 14.53 39.85 20.46
N THR A 1145 14.64 40.90 21.26
CA THR A 1145 15.39 40.87 22.52
C THR A 1145 14.66 40.09 23.60
N LEU A 1146 13.33 40.15 23.57
CA LEU A 1146 12.50 39.46 24.56
C LEU A 1146 12.49 37.94 24.45
N ASN A 1147 12.37 37.29 25.60
CA ASN A 1147 12.29 35.83 25.71
C ASN A 1147 10.87 35.46 25.28
N PRO A 1148 10.73 34.71 24.17
CA PRO A 1148 9.42 34.31 23.65
C PRO A 1148 8.49 33.66 24.67
N GLU A 1149 8.98 32.64 25.38
CA GLU A 1149 8.13 31.94 26.34
C GLU A 1149 7.56 32.82 27.47
N HIS A 1150 8.36 33.76 27.95
CA HIS A 1150 7.96 34.64 29.04
C HIS A 1150 7.04 35.80 28.61
N THR A 1151 7.22 36.33 27.40
CA THR A 1151 6.36 37.41 26.95
C THR A 1151 5.06 36.92 26.31
N ARG A 1152 5.03 35.68 25.84
CA ARG A 1152 3.83 35.14 25.22
C ARG A 1152 2.77 34.79 26.24
N SER A 1153 3.21 34.59 27.48
CA SER A 1153 2.27 34.25 28.55
C SER A 1153 1.51 35.50 29.00
N GLN A 1154 2.05 36.69 28.70
CA GLN A 1154 1.42 37.96 29.05
C GLN A 1154 0.66 38.55 27.86
N ILE A 1155 0.42 37.74 26.83
CA ILE A 1155 -0.31 38.16 25.65
C ILE A 1155 -1.38 37.10 25.38
N ALA A 1156 -2.63 37.52 25.18
CA ALA A 1156 -3.71 36.57 24.91
C ALA A 1156 -4.34 36.87 23.54
N ILE A 1157 -4.91 35.84 22.93
CA ILE A 1157 -5.55 35.96 21.61
C ILE A 1157 -6.96 35.33 21.57
N VAL A 1158 -7.89 36.00 20.89
CA VAL A 1158 -9.24 35.47 20.65
C VAL A 1158 -9.41 35.65 19.15
N SER A 1159 -9.48 34.53 18.46
CA SER A 1159 -9.58 34.50 17.01
C SER A 1159 -11.00 34.25 16.48
N GLN A 1160 -11.17 34.36 15.16
CA GLN A 1160 -12.46 34.14 14.50
C GLN A 1160 -13.04 32.77 14.84
N GLU A 1161 -12.23 31.72 14.65
CA GLU A 1161 -12.66 30.36 14.96
C GLU A 1161 -11.68 29.79 15.97
N PRO A 1162 -12.00 29.92 17.27
CA PRO A 1162 -11.12 29.40 18.33
C PRO A 1162 -11.23 27.89 18.50
N THR A 1163 -10.09 27.20 18.40
CA THR A 1163 -10.06 25.76 18.55
C THR A 1163 -9.86 25.37 20.01
N LEU A 1164 -10.64 24.41 20.48
CA LEU A 1164 -10.53 23.93 21.85
C LEU A 1164 -10.05 22.48 21.85
N PHE A 1165 -9.27 22.12 22.87
CA PHE A 1165 -8.69 20.78 22.96
C PHE A 1165 -9.59 19.73 23.58
N ASP A 1166 -9.28 18.46 23.31
CA ASP A 1166 -10.03 17.32 23.80
C ASP A 1166 -9.86 17.14 25.32
N CYS A 1167 -10.61 17.92 26.08
CA CYS A 1167 -10.59 17.88 27.53
C CYS A 1167 -11.83 18.61 28.09
N SER A 1168 -11.87 18.77 29.41
CA SER A 1168 -12.98 19.44 30.07
C SER A 1168 -12.90 20.93 29.81
N ILE A 1169 -14.01 21.64 30.02
CA ILE A 1169 -14.07 23.09 29.82
C ILE A 1169 -13.18 23.78 30.87
N ALA A 1170 -13.18 23.24 32.09
CA ALA A 1170 -12.37 23.80 33.18
C ALA A 1170 -10.89 23.78 32.78
N GLU A 1171 -10.42 22.63 32.31
CA GLU A 1171 -9.03 22.45 31.89
C GLU A 1171 -8.73 23.17 30.57
N ASN A 1172 -9.77 23.41 29.77
CA ASN A 1172 -9.60 24.08 28.48
C ASN A 1172 -9.43 25.58 28.64
N ILE A 1173 -9.92 26.11 29.76
CA ILE A 1173 -9.81 27.53 30.06
C ILE A 1173 -8.42 27.85 30.63
N ILE A 1174 -7.94 27.01 31.55
CA ILE A 1174 -6.62 27.19 32.16
C ILE A 1174 -5.53 26.31 31.49
N TYR A 1175 -5.71 26.08 30.19
CA TYR A 1175 -4.83 25.24 29.38
C TYR A 1175 -3.35 25.42 29.59
N GLY A 1176 -2.89 26.66 29.50
CA GLY A 1176 -1.47 26.91 29.66
C GLY A 1176 -0.93 26.81 31.07
N LEU A 1177 -1.60 27.48 32.02
CA LEU A 1177 -1.17 27.51 33.40
C LEU A 1177 -1.09 26.17 34.11
N ASP A 1178 -0.20 26.07 35.09
CA ASP A 1178 -0.04 24.84 35.87
C ASP A 1178 -1.13 24.80 36.94
N PRO A 1179 -1.60 23.60 37.28
CA PRO A 1179 -2.66 23.38 38.28
C PRO A 1179 -2.55 24.18 39.58
N SER A 1180 -1.36 24.14 40.19
CA SER A 1180 -1.12 24.86 41.44
C SER A 1180 -0.73 26.32 41.23
N SER A 1181 -1.61 27.07 40.56
CA SER A 1181 -1.40 28.50 40.26
C SER A 1181 -2.72 29.29 40.27
N VAL A 1182 -3.75 28.69 39.71
CA VAL A 1182 -5.05 29.31 39.64
C VAL A 1182 -6.12 28.51 40.39
N THR A 1183 -6.96 29.22 41.16
CA THR A 1183 -8.03 28.62 41.93
C THR A 1183 -9.29 28.38 41.07
N MET A 1184 -10.14 27.44 41.48
CA MET A 1184 -11.36 27.12 40.74
C MET A 1184 -12.32 28.30 40.75
N ALA A 1185 -12.24 29.12 41.78
CA ALA A 1185 -13.09 30.30 41.94
C ALA A 1185 -12.74 31.36 40.92
N GLN A 1186 -11.47 31.39 40.52
CA GLN A 1186 -10.98 32.34 39.53
C GLN A 1186 -11.48 31.95 38.14
N VAL A 1187 -11.69 30.65 37.95
CA VAL A 1187 -12.18 30.12 36.68
C VAL A 1187 -13.64 30.54 36.47
N GLU A 1188 -14.44 30.44 37.53
CA GLU A 1188 -15.84 30.83 37.47
C GLU A 1188 -15.96 32.35 37.34
N GLU A 1189 -14.99 33.06 37.94
CA GLU A 1189 -14.95 34.53 37.90
C GLU A 1189 -14.62 34.97 36.48
N ALA A 1190 -13.83 34.16 35.78
CA ALA A 1190 -13.45 34.46 34.41
C ALA A 1190 -14.61 34.10 33.47
N ALA A 1191 -15.42 33.13 33.89
CA ALA A 1191 -16.55 32.67 33.09
C ALA A 1191 -17.74 33.63 33.20
N ARG A 1192 -17.88 34.27 34.36
CA ARG A 1192 -18.98 35.20 34.56
C ARG A 1192 -18.76 36.51 33.81
N LEU A 1193 -17.49 36.88 33.59
CA LEU A 1193 -17.16 38.09 32.84
C LEU A 1193 -17.21 37.83 31.33
N ALA A 1194 -17.12 36.55 30.96
CA ALA A 1194 -17.15 36.13 29.55
C ALA A 1194 -18.56 35.73 29.11
N ASN A 1195 -19.52 35.85 30.03
CA ASN A 1195 -20.93 35.55 29.80
C ASN A 1195 -21.19 34.07 29.46
N ILE A 1196 -20.56 33.18 30.23
CA ILE A 1196 -20.72 31.75 30.02
C ILE A 1196 -21.20 31.02 31.27
N HIS A 1197 -21.02 31.63 32.44
CA HIS A 1197 -21.41 31.03 33.71
C HIS A 1197 -22.78 30.36 33.69
N ASN A 1198 -23.71 30.96 32.95
CA ASN A 1198 -25.08 30.45 32.82
C ASN A 1198 -25.18 29.15 31.97
N PHE A 1199 -24.33 29.05 30.94
CA PHE A 1199 -24.32 27.89 30.04
C PHE A 1199 -23.72 26.64 30.66
N ILE A 1200 -22.60 26.81 31.37
CA ILE A 1200 -21.90 25.69 31.98
C ILE A 1200 -22.41 25.26 33.37
N ALA A 1201 -22.70 26.23 34.23
CA ALA A 1201 -23.17 25.93 35.57
C ALA A 1201 -24.56 25.31 35.53
N GLU A 1202 -25.39 25.78 34.59
CA GLU A 1202 -26.74 25.27 34.40
C GLU A 1202 -26.72 24.15 33.37
N LEU A 1203 -25.61 23.42 33.36
CA LEU A 1203 -25.41 22.29 32.48
C LEU A 1203 -24.86 21.16 33.36
N PRO A 1204 -25.24 19.91 33.08
CA PRO A 1204 -24.77 18.75 33.85
C PRO A 1204 -23.24 18.67 34.00
N GLU A 1205 -22.79 18.27 35.20
CA GLU A 1205 -21.38 18.12 35.57
C GLU A 1205 -20.59 19.44 35.60
N GLY A 1206 -21.25 20.55 35.23
CA GLY A 1206 -20.63 21.86 35.23
C GLY A 1206 -19.59 22.13 34.17
N PHE A 1207 -18.37 22.43 34.61
CA PHE A 1207 -17.25 22.70 33.72
C PHE A 1207 -16.44 21.44 33.38
N GLU A 1208 -16.87 20.29 33.89
CA GLU A 1208 -16.16 19.05 33.64
C GLU A 1208 -16.58 18.27 32.40
N THR A 1209 -17.49 18.84 31.63
CA THR A 1209 -17.96 18.21 30.42
C THR A 1209 -16.89 18.22 29.31
N ARG A 1210 -16.81 17.14 28.53
CA ARG A 1210 -15.84 17.05 27.43
C ARG A 1210 -16.20 17.98 26.24
N VAL A 1211 -15.40 19.02 26.02
CA VAL A 1211 -15.64 19.96 24.94
C VAL A 1211 -14.69 19.67 23.77
N GLY A 1212 -15.20 19.82 22.55
CA GLY A 1212 -14.40 19.54 21.38
C GLY A 1212 -14.35 18.06 21.06
N ASP A 1213 -15.23 17.29 21.70
CA ASP A 1213 -15.33 15.84 21.50
C ASP A 1213 -16.12 15.51 20.21
N ARG A 1214 -15.40 15.06 19.16
CA ARG A 1214 -15.98 14.74 17.84
C ARG A 1214 -16.67 16.01 17.28
N GLY A 1215 -15.93 17.12 17.29
CA GLY A 1215 -16.45 18.40 16.85
C GLY A 1215 -16.95 19.14 18.11
N THR A 1216 -17.39 20.38 17.97
CA THR A 1216 -17.89 21.10 19.15
C THR A 1216 -19.41 21.05 19.25
N GLN A 1217 -19.92 20.58 20.39
CA GLN A 1217 -21.35 20.50 20.64
C GLN A 1217 -21.88 21.91 20.93
N LEU A 1218 -21.01 22.75 21.50
CA LEU A 1218 -21.35 24.14 21.79
C LEU A 1218 -21.30 24.97 20.50
N SER A 1219 -22.06 26.06 20.47
CA SER A 1219 -22.14 26.94 19.29
C SER A 1219 -20.90 27.82 19.11
N GLY A 1220 -20.79 28.45 17.94
CA GLY A 1220 -19.68 29.34 17.67
C GLY A 1220 -19.66 30.52 18.63
N GLY A 1221 -20.83 30.83 19.18
CA GLY A 1221 -20.94 31.92 20.14
C GLY A 1221 -20.48 31.47 21.52
N GLN A 1222 -20.62 30.18 21.81
CA GLN A 1222 -20.17 29.63 23.10
C GLN A 1222 -18.65 29.46 23.10
N LYS A 1223 -18.11 28.93 21.99
CA LYS A 1223 -16.66 28.73 21.84
C LYS A 1223 -15.89 30.04 21.96
N GLN A 1224 -16.42 31.09 21.34
CA GLN A 1224 -15.81 32.41 21.35
C GLN A 1224 -15.72 33.01 22.75
N ARG A 1225 -16.67 32.65 23.62
CA ARG A 1225 -16.68 33.18 24.98
C ARG A 1225 -15.81 32.33 25.92
N ILE A 1226 -15.55 31.07 25.55
CA ILE A 1226 -14.69 30.22 26.36
C ILE A 1226 -13.27 30.73 26.09
N ALA A 1227 -13.07 31.26 24.88
CA ALA A 1227 -11.78 31.82 24.47
C ALA A 1227 -11.53 33.11 25.28
N ILE A 1228 -12.62 33.78 25.66
CA ILE A 1228 -12.51 35.00 26.47
C ILE A 1228 -12.22 34.55 27.90
N ALA A 1229 -12.79 33.41 28.30
CA ALA A 1229 -12.53 32.86 29.63
C ALA A 1229 -11.04 32.49 29.76
N ARG A 1230 -10.46 31.95 28.69
CA ARG A 1230 -9.04 31.57 28.68
C ARG A 1230 -8.20 32.81 28.97
N ALA A 1231 -8.48 33.88 28.23
CA ALA A 1231 -7.75 35.14 28.36
C ALA A 1231 -7.85 35.82 29.72
N LEU A 1232 -9.00 35.68 30.38
CA LEU A 1232 -9.22 36.33 31.66
C LEU A 1232 -8.54 35.68 32.86
N VAL A 1233 -8.46 34.35 32.88
CA VAL A 1233 -7.82 33.65 34.00
C VAL A 1233 -6.41 34.19 34.24
N ARG A 1234 -5.65 34.30 33.15
CA ARG A 1234 -4.28 34.81 33.16
C ARG A 1234 -4.33 36.24 32.61
N ASN A 1235 -4.61 37.20 33.50
CA ASN A 1235 -4.72 38.61 33.11
C ASN A 1235 -3.60 39.09 32.18
N PRO A 1236 -3.90 39.22 30.90
CA PRO A 1236 -2.92 39.67 29.92
C PRO A 1236 -2.67 41.15 29.92
N LYS A 1237 -1.40 41.55 29.84
CA LYS A 1237 -1.06 42.95 29.81
C LYS A 1237 -1.52 43.54 28.46
N ILE A 1238 -1.41 42.76 27.38
CA ILE A 1238 -1.94 43.20 26.08
C ILE A 1238 -2.85 42.08 25.58
N LEU A 1239 -3.87 42.43 24.80
CA LEU A 1239 -4.85 41.44 24.33
C LEU A 1239 -5.13 41.59 22.84
N LEU A 1240 -4.79 40.56 22.07
CA LEU A 1240 -4.99 40.59 20.63
C LEU A 1240 -6.35 40.05 20.21
N LEU A 1241 -7.11 40.88 19.50
CA LEU A 1241 -8.43 40.52 18.98
C LEU A 1241 -8.38 40.47 17.45
N ASP A 1242 -8.45 39.27 16.90
CA ASP A 1242 -8.41 39.08 15.45
C ASP A 1242 -9.74 38.50 14.98
N GLU A 1243 -10.55 39.34 14.32
CA GLU A 1243 -11.87 38.97 13.82
C GLU A 1243 -12.66 38.26 14.92
N ALA A 1244 -12.64 38.86 16.11
CA ALA A 1244 -13.30 38.32 17.31
C ALA A 1244 -14.73 37.82 17.12
N THR A 1245 -15.49 38.46 16.23
CA THR A 1245 -16.87 38.05 15.98
C THR A 1245 -17.09 37.31 14.65
N SER A 1246 -17.58 36.08 14.74
CA SER A 1246 -17.88 35.27 13.57
C SER A 1246 -19.38 34.95 13.67
N ALA A 1247 -20.13 35.87 14.29
CA ALA A 1247 -21.58 35.72 14.49
C ALA A 1247 -22.46 36.43 13.47
N LEU A 1248 -21.87 36.74 12.31
CA LEU A 1248 -22.55 37.38 11.17
C LEU A 1248 -23.36 38.67 11.44
N ASP A 1249 -22.82 39.55 12.29
CA ASP A 1249 -23.47 40.81 12.65
C ASP A 1249 -24.98 40.66 12.84
N THR A 1250 -25.40 39.63 13.56
CA THR A 1250 -26.80 39.36 13.83
C THR A 1250 -27.12 39.28 15.32
N GLU A 1251 -27.94 38.31 15.72
CA GLU A 1251 -28.36 38.13 17.12
C GLU A 1251 -27.26 37.61 18.05
N SER A 1252 -26.48 36.64 17.58
CA SER A 1252 -25.41 36.05 18.37
C SER A 1252 -24.18 36.97 18.49
N GLU A 1253 -24.16 38.01 17.67
CA GLU A 1253 -23.05 38.98 17.66
C GLU A 1253 -23.05 39.93 18.86
N LYS A 1254 -24.25 40.40 19.24
CA LYS A 1254 -24.43 41.35 20.35
C LYS A 1254 -24.12 40.79 21.74
N VAL A 1255 -24.34 39.49 21.92
CA VAL A 1255 -24.11 38.83 23.21
C VAL A 1255 -22.62 38.67 23.52
N VAL A 1256 -21.84 38.27 22.51
CA VAL A 1256 -20.40 38.04 22.63
C VAL A 1256 -19.58 39.35 22.55
N GLN A 1257 -20.03 40.31 21.75
CA GLN A 1257 -19.33 41.59 21.59
C GLN A 1257 -19.41 42.44 22.86
N GLU A 1258 -20.49 42.29 23.62
CA GLU A 1258 -20.65 43.03 24.86
C GLU A 1258 -19.70 42.46 25.92
N ALA A 1259 -19.41 41.17 25.81
CA ALA A 1259 -18.50 40.47 26.74
C ALA A 1259 -17.03 40.80 26.46
N LEU A 1260 -16.72 41.07 25.19
CA LEU A 1260 -15.37 41.41 24.76
C LEU A 1260 -14.91 42.73 25.38
N ASP A 1261 -15.80 43.72 25.43
CA ASP A 1261 -15.47 45.03 25.96
C ASP A 1261 -15.30 45.04 27.47
N ARG A 1262 -15.80 44.02 28.15
CA ARG A 1262 -15.68 43.89 29.60
C ARG A 1262 -14.31 43.33 29.97
N ALA A 1263 -13.59 42.85 28.95
CA ALA A 1263 -12.26 42.29 29.15
C ALA A 1263 -11.13 43.28 28.83
N ARG A 1264 -11.26 44.01 27.72
CA ARG A 1264 -10.23 44.96 27.31
C ARG A 1264 -10.24 46.27 28.11
N GLU A 1265 -10.57 46.16 29.39
CA GLU A 1265 -10.65 47.30 30.29
C GLU A 1265 -9.28 47.86 30.69
N GLY A 1266 -8.67 47.26 31.71
CA GLY A 1266 -7.38 47.74 32.21
C GLY A 1266 -6.15 47.38 31.41
N ARG A 1267 -6.34 46.68 30.29
CA ARG A 1267 -5.25 46.24 29.44
C ARG A 1267 -5.30 46.87 28.06
N THR A 1268 -4.13 46.99 27.42
CA THR A 1268 -4.05 47.54 26.08
C THR A 1268 -4.56 46.47 25.13
N CYS A 1269 -5.08 46.88 23.98
CA CYS A 1269 -5.65 45.93 23.03
C CYS A 1269 -5.50 46.37 21.58
N ILE A 1270 -5.49 45.41 20.68
CA ILE A 1270 -5.40 45.70 19.26
C ILE A 1270 -6.46 44.84 18.59
N VAL A 1271 -7.43 45.50 17.94
CA VAL A 1271 -8.52 44.82 17.25
C VAL A 1271 -8.41 44.88 15.74
N ILE A 1272 -8.43 43.72 15.11
CA ILE A 1272 -8.38 43.63 13.66
C ILE A 1272 -9.79 43.21 13.30
N ALA A 1273 -10.50 44.08 12.59
CA ALA A 1273 -11.88 43.81 12.20
C ALA A 1273 -12.14 43.93 10.70
N HIS A 1274 -12.83 42.92 10.16
CA HIS A 1274 -13.19 42.89 8.75
C HIS A 1274 -14.50 43.67 8.61
N ARG A 1275 -15.27 43.73 9.70
CA ARG A 1275 -16.54 44.47 9.75
C ARG A 1275 -16.29 45.83 10.42
N LEU A 1276 -16.50 46.90 9.66
CA LEU A 1276 -16.28 48.28 10.12
C LEU A 1276 -17.26 48.77 11.19
N ASN A 1277 -18.35 48.02 11.42
CA ASN A 1277 -19.36 48.40 12.41
C ASN A 1277 -18.94 48.25 13.87
N THR A 1278 -18.35 47.10 14.19
CA THR A 1278 -17.91 46.79 15.56
C THR A 1278 -16.63 47.52 15.99
N VAL A 1279 -16.09 48.34 15.09
CA VAL A 1279 -14.85 49.09 15.33
C VAL A 1279 -14.97 50.22 16.37
N MET A 1280 -16.16 50.83 16.50
CA MET A 1280 -16.38 51.92 17.44
C MET A 1280 -16.10 51.55 18.91
N ASN A 1281 -15.85 52.59 19.72
CA ASN A 1281 -15.54 52.47 21.15
C ASN A 1281 -14.02 52.30 21.35
N ALA A 1282 -13.27 52.33 20.25
CA ALA A 1282 -11.82 52.20 20.26
C ALA A 1282 -11.20 53.54 20.60
N ASP A 1283 -10.07 53.53 21.30
CA ASP A 1283 -9.38 54.76 21.68
C ASP A 1283 -8.75 55.42 20.46
N CYS A 1284 -8.45 54.62 19.45
CA CYS A 1284 -7.90 55.12 18.19
C CYS A 1284 -8.20 54.07 17.12
N ILE A 1285 -8.25 54.50 15.87
CA ILE A 1285 -8.52 53.63 14.75
C ILE A 1285 -7.55 53.99 13.62
N ALA A 1286 -7.13 52.98 12.86
CA ALA A 1286 -6.20 53.20 11.75
C ALA A 1286 -6.66 52.42 10.52
N VAL A 1287 -6.40 52.98 9.34
CA VAL A 1287 -6.80 52.34 8.10
C VAL A 1287 -5.60 51.92 7.27
N VAL A 1288 -5.44 50.60 7.13
CA VAL A 1288 -4.35 50.02 6.36
C VAL A 1288 -4.87 49.69 4.96
N SER A 1289 -4.08 50.01 3.94
CA SER A 1289 -4.49 49.75 2.55
C SER A 1289 -3.49 48.91 1.76
N ASN A 1290 -2.22 49.31 1.81
CA ASN A 1290 -1.20 48.60 1.06
C ASN A 1290 -0.04 48.18 1.97
N GLY A 1291 -0.36 47.98 3.25
CA GLY A 1291 0.65 47.61 4.22
C GLY A 1291 1.11 48.81 5.02
N THR A 1292 0.48 49.95 4.77
CA THR A 1292 0.79 51.20 5.45
C THR A 1292 -0.53 51.85 5.84
N ILE A 1293 -0.52 52.57 6.96
CA ILE A 1293 -1.73 53.25 7.43
C ILE A 1293 -1.85 54.62 6.75
N ILE A 1294 -3.01 54.86 6.14
CA ILE A 1294 -3.25 56.14 5.46
C ILE A 1294 -3.74 57.18 6.46
N GLU A 1295 -4.87 56.91 7.10
CA GLU A 1295 -5.45 57.84 8.08
C GLU A 1295 -5.58 57.29 9.50
N LYS A 1296 -5.43 58.17 10.49
CA LYS A 1296 -5.53 57.81 11.89
C LYS A 1296 -6.56 58.70 12.60
N GLY A 1297 -6.97 58.29 13.80
CA GLY A 1297 -7.92 59.09 14.56
C GLY A 1297 -8.94 58.24 15.28
N THR A 1298 -9.98 58.89 15.81
CA THR A 1298 -11.04 58.21 16.53
C THR A 1298 -12.23 58.08 15.58
N HIS A 1299 -13.23 57.28 15.98
CA HIS A 1299 -14.43 57.05 15.16
C HIS A 1299 -15.06 58.38 14.74
N THR A 1300 -15.26 59.27 15.71
CA THR A 1300 -15.84 60.58 15.47
C THR A 1300 -14.93 61.45 14.61
N GLN A 1301 -13.65 61.50 14.96
CA GLN A 1301 -12.65 62.30 14.24
C GLN A 1301 -12.42 61.84 12.80
N LEU A 1302 -12.25 60.53 12.61
CA LEU A 1302 -12.00 59.94 11.30
C LEU A 1302 -13.20 60.07 10.36
N MET A 1303 -14.40 60.06 10.92
CA MET A 1303 -15.63 60.18 10.13
C MET A 1303 -15.79 61.56 9.50
N SER A 1304 -15.25 62.59 10.17
CA SER A 1304 -15.33 63.96 9.69
C SER A 1304 -14.73 64.12 8.29
N GLU A 1305 -13.54 63.57 8.05
CA GLU A 1305 -12.92 63.63 6.74
C GLU A 1305 -13.55 62.55 5.87
N LYS A 1306 -13.55 62.75 4.57
CA LYS A 1306 -14.16 61.79 3.70
C LYS A 1306 -13.44 61.94 2.38
#